data_1NSU
#
_entry.id   1NSU
#
_cell.length_a   44.900
_cell.length_b   76.200
_cell.length_c   210.800
_cell.angle_alpha   90.00
_cell.angle_beta   90.00
_cell.angle_gamma   90.00
#
_symmetry.space_group_name_H-M   'P 21 21 21'
#
loop_
_entity.id
_entity.type
_entity.pdbx_description
1 polymer 'GALACTOSE MUTAROTASE'
2 non-polymer alpha-D-galactopyranose
3 non-polymer 'SODIUM ION'
4 water water
#
_entity_poly.entity_id   1
_entity_poly.type   'polypeptide(L)'
_entity_poly.pdbx_seq_one_letter_code
;MSIKIRDFGLGSDLISLTNKAGVTISFTNLGARIVDWQKDGKHLILGFDSAKEYLEKDAYPGATVGPTAGRIKDGLVKIS
GKDYILNQNEGPQTLNGGEESIHTKLWTYEVTDLGAEVQVKFSLVSNDGTNGYPGKIEMSVTHSFDDDNKWKIHYEAISD
KDTVFNPTGHVYFNLNGDASESVENHGLRLAASRFVPLKDQTEIVRGDIVDIKNTDLDFRQEKQLSNAFNSNMEQVQLVK
GIDHPFLLDQLGLDKEQARLTLDDTSISVFTDQPSIVIFTANFGDLGTLYHEKKQVHHGGITFECQVSPGSEQIPELGDI
SLKAGEKYQATTIYSLHTKLEHHHHHH
;
_entity_poly.pdbx_strand_id   A,B
#
loop_
_chem_comp.id
_chem_comp.type
_chem_comp.name
_chem_comp.formula
GLA D-saccharide, alpha linking alpha-D-galactopyranose 'C6 H12 O6'
NA non-polymer 'SODIUM ION' 'Na 1'
#
# COMPACT_ATOMS: atom_id res chain seq x y z
N SER A 2 7.46 -7.07 -27.15
CA SER A 2 8.52 -6.40 -26.36
C SER A 2 7.89 -5.87 -25.06
N ILE A 3 8.71 -5.76 -24.04
CA ILE A 3 8.23 -5.29 -22.75
C ILE A 3 9.12 -4.17 -22.36
N LYS A 4 8.52 -3.09 -21.86
CA LYS A 4 9.32 -1.97 -21.42
C LYS A 4 8.82 -1.49 -20.10
N ILE A 5 9.72 -1.26 -19.15
CA ILE A 5 9.27 -0.75 -17.85
C ILE A 5 9.89 0.59 -17.53
N ARG A 6 9.09 1.52 -17.09
CA ARG A 6 9.65 2.80 -16.78
C ARG A 6 8.95 3.50 -15.60
N ASP A 7 9.59 4.54 -15.10
CA ASP A 7 9.05 5.28 -13.97
C ASP A 7 7.85 6.08 -14.45
N PHE A 8 6.74 6.02 -13.72
CA PHE A 8 5.55 6.72 -14.13
C PHE A 8 5.18 7.85 -13.19
N GLY A 9 6.06 8.04 -12.24
CA GLY A 9 5.93 9.07 -11.23
C GLY A 9 5.49 8.61 -9.84
N LEU A 10 6.03 9.31 -8.85
CA LEU A 10 5.70 9.06 -7.46
C LEU A 10 6.10 7.66 -7.01
N GLY A 11 7.05 7.06 -7.74
CA GLY A 11 7.52 5.72 -7.43
C GLY A 11 6.72 4.64 -8.14
N SER A 12 5.71 5.00 -8.92
CA SER A 12 4.91 4.02 -9.64
C SER A 12 5.62 3.64 -10.93
N ASP A 13 5.28 2.49 -11.45
CA ASP A 13 5.90 2.04 -12.66
C ASP A 13 4.92 1.97 -13.81
N LEU A 14 5.44 2.08 -15.02
CA LEU A 14 4.60 1.96 -16.19
C LEU A 14 5.12 0.77 -16.94
N ILE A 15 4.27 -0.23 -17.14
CA ILE A 15 4.70 -1.43 -17.83
C ILE A 15 4.04 -1.45 -19.22
N SER A 16 4.82 -1.41 -20.29
CA SER A 16 4.23 -1.39 -21.62
C SER A 16 4.53 -2.64 -22.42
N LEU A 17 3.48 -3.23 -22.95
CA LEU A 17 3.61 -4.44 -23.74
C LEU A 17 3.24 -4.22 -25.18
N THR A 18 4.15 -4.62 -26.08
CA THR A 18 3.89 -4.52 -27.49
C THR A 18 3.87 -5.92 -28.05
N ASN A 19 2.79 -6.30 -28.73
CA ASN A 19 2.69 -7.64 -29.25
C ASN A 19 3.23 -7.73 -30.66
N LYS A 20 3.11 -8.93 -31.19
CA LYS A 20 3.57 -9.19 -32.55
C LYS A 20 2.96 -8.24 -33.57
N ALA A 21 1.73 -7.86 -33.34
CA ALA A 21 1.01 -6.98 -34.23
C ALA A 21 1.36 -5.50 -34.16
N GLY A 22 2.20 -5.10 -33.19
CA GLY A 22 2.55 -3.71 -33.08
C GLY A 22 1.59 -2.95 -32.15
N VAL A 23 0.62 -3.66 -31.60
CA VAL A 23 -0.31 -2.98 -30.69
C VAL A 23 0.38 -2.84 -29.34
N THR A 24 0.31 -1.65 -28.79
CA THR A 24 0.88 -1.39 -27.48
C THR A 24 -0.19 -1.16 -26.37
N ILE A 25 -0.05 -1.85 -25.25
CA ILE A 25 -0.97 -1.67 -24.13
C ILE A 25 -0.09 -1.35 -22.91
N SER A 26 -0.50 -0.46 -22.02
CA SER A 26 0.42 -0.14 -20.90
C SER A 26 -0.30 -0.09 -19.58
N PHE A 27 0.33 -0.48 -18.47
CA PHE A 27 -0.37 -0.51 -17.20
C PHE A 27 0.50 0.08 -16.17
N THR A 28 -0.14 0.44 -15.07
CA THR A 28 0.64 0.98 -13.94
C THR A 28 0.27 0.22 -12.64
N ASN A 29 1.26 0.07 -11.73
CA ASN A 29 0.95 -0.63 -10.47
C ASN A 29 0.16 0.29 -9.53
N LEU A 30 0.06 1.57 -9.92
CA LEU A 30 -0.74 2.46 -9.10
C LEU A 30 -2.19 2.09 -9.42
N GLY A 31 -2.78 1.25 -8.57
CA GLY A 31 -4.18 0.90 -8.83
C GLY A 31 -4.39 -0.24 -9.84
N ALA A 32 -3.32 -1.03 -10.13
CA ALA A 32 -3.35 -2.20 -11.08
C ALA A 32 -4.23 -1.74 -12.22
N ARG A 33 -3.77 -0.72 -12.89
CA ARG A 33 -4.53 -0.05 -13.90
C ARG A 33 -4.00 0.02 -15.32
N ILE A 34 -4.95 0.05 -16.24
CA ILE A 34 -4.62 0.22 -17.64
C ILE A 34 -4.47 1.71 -17.89
N VAL A 35 -3.36 2.06 -18.53
CA VAL A 35 -3.13 3.45 -18.81
C VAL A 35 -3.40 3.86 -20.25
N ASP A 36 -2.99 2.96 -21.16
CA ASP A 36 -3.14 3.23 -22.56
C ASP A 36 -3.27 1.96 -23.31
N TRP A 37 -3.81 2.15 -24.49
CA TRP A 37 -4.02 1.08 -25.42
C TRP A 37 -4.06 1.77 -26.77
N GLN A 38 -3.09 1.46 -27.62
CA GLN A 38 -3.10 2.12 -28.90
C GLN A 38 -2.63 1.32 -30.13
N LYS A 39 -3.32 1.61 -31.23
CA LYS A 39 -3.05 1.04 -32.53
C LYS A 39 -2.77 2.14 -33.51
N ASP A 40 -1.69 1.93 -34.28
CA ASP A 40 -1.26 2.85 -35.30
C ASP A 40 -1.28 4.26 -34.83
N GLY A 41 -0.71 4.47 -33.66
CA GLY A 41 -0.62 5.82 -33.09
C GLY A 41 -1.87 6.41 -32.45
N LYS A 42 -2.98 5.69 -32.40
CA LYS A 42 -4.16 6.26 -31.81
C LYS A 42 -4.53 5.62 -30.50
N HIS A 43 -4.96 6.41 -29.55
CA HIS A 43 -5.37 5.82 -28.29
C HIS A 43 -6.76 5.24 -28.41
N LEU A 44 -6.98 4.08 -27.80
CA LEU A 44 -8.31 3.54 -27.87
C LEU A 44 -9.05 3.81 -26.57
N ILE A 45 -8.34 4.12 -25.54
CA ILE A 45 -8.99 4.36 -24.27
C ILE A 45 -8.51 5.68 -23.71
N LEU A 46 -9.12 6.12 -22.61
CA LEU A 46 -8.72 7.36 -21.96
C LEU A 46 -7.64 7.10 -20.90
N GLY A 47 -6.67 8.01 -20.81
CA GLY A 47 -5.62 7.87 -19.83
C GLY A 47 -4.81 9.10 -19.72
N PHE A 48 -3.99 9.14 -18.65
CA PHE A 48 -3.10 10.25 -18.33
C PHE A 48 -1.64 9.98 -18.65
N ASP A 49 -0.85 11.00 -18.51
CA ASP A 49 0.54 10.79 -18.85
C ASP A 49 1.50 10.58 -17.68
N SER A 50 0.97 10.62 -16.45
CA SER A 50 1.76 10.42 -15.25
C SER A 50 0.88 10.07 -14.10
N ALA A 51 1.53 9.50 -13.08
CA ALA A 51 0.80 9.09 -11.88
C ALA A 51 0.05 10.24 -11.22
N LYS A 52 0.76 11.34 -11.11
CA LYS A 52 0.22 12.54 -10.48
C LYS A 52 -1.12 12.96 -11.05
N GLU A 53 -1.27 12.85 -12.36
CA GLU A 53 -2.53 13.25 -12.95
C GLU A 53 -3.68 12.44 -12.49
N TYR A 54 -3.44 11.15 -12.31
CA TYR A 54 -4.54 10.35 -11.86
C TYR A 54 -5.02 10.80 -10.48
N LEU A 55 -4.02 11.05 -9.64
CA LEU A 55 -4.28 11.46 -8.28
C LEU A 55 -4.90 12.85 -8.18
N GLU A 56 -4.49 13.74 -9.06
CA GLU A 56 -5.03 15.06 -9.00
C GLU A 56 -6.33 15.24 -9.80
N LYS A 57 -6.41 14.55 -10.94
CA LYS A 57 -7.56 14.71 -11.79
C LYS A 57 -8.70 13.77 -11.57
N ASP A 58 -8.45 12.49 -11.76
CA ASP A 58 -9.50 11.51 -11.59
C ASP A 58 -8.78 10.19 -11.42
N ALA A 59 -8.97 9.58 -10.24
CA ALA A 59 -8.27 8.34 -9.94
C ALA A 59 -8.91 7.06 -10.41
N TYR A 60 -10.08 7.18 -10.99
CA TYR A 60 -10.76 5.98 -11.40
C TYR A 60 -10.45 5.41 -12.76
N PRO A 61 -10.21 6.28 -13.76
CA PRO A 61 -9.97 5.80 -15.11
C PRO A 61 -8.97 4.66 -15.26
N GLY A 62 -9.42 3.53 -15.82
CA GLY A 62 -8.50 2.39 -16.03
C GLY A 62 -8.20 1.52 -14.82
N ALA A 63 -8.59 1.97 -13.66
CA ALA A 63 -8.28 1.26 -12.43
C ALA A 63 -9.05 0.07 -12.03
N THR A 64 -8.36 -0.70 -11.15
CA THR A 64 -9.06 -1.82 -10.54
C THR A 64 -9.79 -1.15 -9.36
N VAL A 65 -11.12 -1.29 -9.24
CA VAL A 65 -11.82 -0.66 -8.13
C VAL A 65 -12.46 -1.74 -7.31
N GLY A 66 -12.50 -1.54 -6.01
CA GLY A 66 -13.07 -2.50 -5.10
C GLY A 66 -12.79 -2.02 -3.71
N PRO A 67 -13.02 -2.87 -2.69
CA PRO A 67 -13.46 -4.26 -2.89
C PRO A 67 -14.79 -4.45 -3.55
N THR A 68 -15.63 -3.43 -3.41
CA THR A 68 -16.94 -3.49 -4.00
C THR A 68 -17.06 -2.38 -5.02
N ALA A 69 -17.40 -2.71 -6.24
CA ALA A 69 -17.55 -1.71 -7.29
C ALA A 69 -18.94 -1.10 -7.24
N GLY A 70 -19.03 0.21 -7.47
CA GLY A 70 -20.34 0.80 -7.45
C GLY A 70 -20.72 1.41 -6.10
N ARG A 71 -22.02 1.77 -6.00
CA ARG A 71 -22.58 2.40 -4.82
C ARG A 71 -23.36 1.49 -3.94
N ILE A 72 -23.04 1.60 -2.64
CA ILE A 72 -23.75 0.85 -1.61
C ILE A 72 -24.54 1.80 -0.74
N LYS A 73 -25.88 1.69 -0.79
CA LYS A 73 -26.74 2.56 -0.03
C LYS A 73 -26.42 2.66 1.46
N ASP A 74 -26.19 3.87 1.92
CA ASP A 74 -25.86 4.06 3.31
C ASP A 74 -24.60 3.38 3.79
N GLY A 75 -23.81 2.84 2.86
CA GLY A 75 -22.58 2.15 3.21
C GLY A 75 -22.87 0.89 4.01
N LEU A 76 -24.10 0.44 3.94
CA LEU A 76 -24.46 -0.74 4.72
C LEU A 76 -24.54 -2.11 4.07
N VAL A 77 -23.81 -3.08 4.63
CA VAL A 77 -23.88 -4.46 4.15
C VAL A 77 -24.12 -5.38 5.32
N LYS A 78 -24.78 -6.50 5.07
CA LYS A 78 -25.06 -7.49 6.09
C LYS A 78 -24.12 -8.68 5.88
N ILE A 79 -23.34 -9.03 6.89
CA ILE A 79 -22.44 -10.13 6.78
C ILE A 79 -22.73 -11.07 7.91
N SER A 80 -23.09 -12.30 7.53
CA SER A 80 -23.46 -13.35 8.47
C SER A 80 -24.54 -12.83 9.40
N GLY A 81 -25.53 -12.17 8.81
CA GLY A 81 -26.65 -11.57 9.52
C GLY A 81 -26.22 -10.36 10.36
N LYS A 82 -25.03 -9.82 10.14
CA LYS A 82 -24.64 -8.69 10.94
C LYS A 82 -24.45 -7.43 10.08
N ASP A 83 -24.89 -6.29 10.59
CA ASP A 83 -24.74 -5.03 9.90
C ASP A 83 -23.33 -4.49 9.99
N TYR A 84 -22.80 -4.11 8.83
CA TYR A 84 -21.46 -3.54 8.85
C TYR A 84 -21.55 -2.23 8.09
N ILE A 85 -21.00 -1.12 8.65
CA ILE A 85 -20.99 0.17 7.96
C ILE A 85 -19.64 0.41 7.30
N LEU A 86 -19.62 0.61 5.98
CA LEU A 86 -18.38 0.85 5.27
C LEU A 86 -18.09 2.31 5.18
N ASN A 87 -16.85 2.63 4.81
CA ASN A 87 -16.49 4.01 4.66
C ASN A 87 -17.48 4.65 3.66
N GLN A 88 -17.94 5.85 4.04
CA GLN A 88 -18.89 6.55 3.20
C GLN A 88 -18.14 7.72 2.55
N ASN A 89 -18.04 7.74 1.24
CA ASN A 89 -17.32 8.79 0.56
C ASN A 89 -18.17 9.54 -0.46
N GLU A 90 -19.44 9.25 -0.53
CA GLU A 90 -20.23 9.99 -1.48
C GLU A 90 -21.51 10.23 -0.74
N GLY A 91 -21.53 11.23 0.14
CA GLY A 91 -22.75 11.38 0.90
C GLY A 91 -22.75 10.14 1.81
N PRO A 92 -23.90 9.53 2.10
CA PRO A 92 -23.92 8.36 2.94
C PRO A 92 -23.60 7.08 2.17
N GLN A 93 -23.31 7.16 0.87
CA GLN A 93 -23.02 5.93 0.19
C GLN A 93 -21.56 5.60 0.23
N THR A 94 -21.30 4.34 0.02
CA THR A 94 -19.93 3.84 -0.12
C THR A 94 -19.78 3.65 -1.63
N LEU A 95 -18.95 4.45 -2.29
CA LEU A 95 -18.82 4.30 -3.71
C LEU A 95 -17.47 3.73 -4.04
N ASN A 96 -17.36 2.71 -4.85
CA ASN A 96 -16.03 2.21 -5.19
C ASN A 96 -15.05 1.86 -4.04
N GLY A 97 -15.62 1.28 -2.99
CA GLY A 97 -14.90 0.80 -1.85
C GLY A 97 -14.58 1.87 -0.84
N GLY A 98 -15.12 3.10 -0.96
CA GLY A 98 -14.78 4.14 0.07
C GLY A 98 -13.55 4.98 -0.34
N GLU A 99 -13.22 5.92 0.49
CA GLU A 99 -12.09 6.80 0.20
C GLU A 99 -10.76 6.13 0.20
N GLU A 100 -9.83 6.68 -0.57
CA GLU A 100 -8.48 6.17 -0.62
C GLU A 100 -8.42 4.66 -0.75
N SER A 101 -9.24 4.14 -1.60
CA SER A 101 -9.32 2.69 -1.80
C SER A 101 -8.23 2.04 -2.64
N ILE A 102 -8.46 0.77 -3.03
CA ILE A 102 -7.42 0.04 -3.77
C ILE A 102 -6.91 0.66 -5.04
N HIS A 103 -7.69 1.56 -5.63
CA HIS A 103 -7.27 2.24 -6.84
C HIS A 103 -6.18 3.31 -6.64
N THR A 104 -5.98 3.74 -5.41
CA THR A 104 -4.98 4.76 -5.11
C THR A 104 -3.77 4.16 -4.46
N LYS A 105 -3.69 2.85 -4.35
CA LYS A 105 -2.51 2.22 -3.73
C LYS A 105 -1.53 1.65 -4.79
N LEU A 106 -0.27 1.53 -4.40
CA LEU A 106 0.67 0.98 -5.32
C LEU A 106 0.69 -0.50 -5.04
N TRP A 107 0.37 -1.33 -6.05
CA TRP A 107 0.35 -2.77 -5.86
C TRP A 107 1.73 -3.30 -6.21
N THR A 108 2.09 -4.48 -5.67
CA THR A 108 3.38 -5.07 -6.06
C THR A 108 3.00 -5.86 -7.35
N TYR A 109 3.99 -6.18 -8.20
CA TYR A 109 3.69 -6.93 -9.41
C TYR A 109 4.88 -7.67 -9.94
N GLU A 110 4.54 -8.66 -10.75
CA GLU A 110 5.52 -9.50 -11.41
C GLU A 110 5.07 -9.68 -12.81
N VAL A 111 6.04 -9.64 -13.73
CA VAL A 111 5.76 -9.81 -15.15
C VAL A 111 6.12 -11.22 -15.61
N THR A 112 5.26 -11.89 -16.37
CA THR A 112 5.57 -13.23 -16.86
C THR A 112 5.41 -13.23 -18.39
N ASP A 113 6.53 -13.41 -19.09
CA ASP A 113 6.55 -13.41 -20.52
C ASP A 113 6.34 -14.78 -21.07
N LEU A 114 5.21 -15.03 -21.69
CA LEU A 114 4.94 -16.35 -22.24
C LEU A 114 5.10 -16.41 -23.74
N GLY A 115 5.70 -15.39 -24.33
CA GLY A 115 5.88 -15.39 -25.76
C GLY A 115 4.69 -14.76 -26.45
N ALA A 116 3.71 -15.58 -26.84
CA ALA A 116 2.52 -15.06 -27.50
C ALA A 116 1.68 -14.22 -26.56
N GLU A 117 1.87 -14.52 -25.28
CA GLU A 117 1.20 -13.81 -24.19
C GLU A 117 2.15 -13.36 -23.08
N VAL A 118 1.87 -12.17 -22.56
CA VAL A 118 2.65 -11.65 -21.42
C VAL A 118 1.66 -11.34 -20.31
N GLN A 119 1.99 -11.70 -19.09
CA GLN A 119 1.08 -11.45 -18.01
C GLN A 119 1.73 -10.55 -16.99
N VAL A 120 0.94 -9.69 -16.37
CA VAL A 120 1.43 -8.80 -15.34
C VAL A 120 0.51 -9.08 -14.18
N LYS A 121 1.03 -9.71 -13.14
CA LYS A 121 0.27 -10.03 -11.96
C LYS A 121 0.54 -9.01 -10.83
N PHE A 122 -0.50 -8.29 -10.47
CA PHE A 122 -0.47 -7.31 -9.42
C PHE A 122 -1.08 -7.90 -8.17
N SER A 123 -0.48 -7.60 -6.99
CA SER A 123 -1.03 -8.11 -5.75
C SER A 123 -1.08 -7.03 -4.71
N LEU A 124 -2.09 -7.17 -3.86
CA LEU A 124 -2.28 -6.24 -2.78
C LEU A 124 -3.05 -6.95 -1.69
N VAL A 125 -2.69 -6.63 -0.46
CA VAL A 125 -3.42 -7.15 0.69
C VAL A 125 -4.25 -6.04 1.30
N SER A 126 -5.54 -6.27 1.41
CA SER A 126 -6.43 -5.36 2.05
C SER A 126 -6.49 -5.88 3.53
N ASN A 127 -5.99 -5.10 4.52
CA ASN A 127 -5.98 -5.49 5.90
C ASN A 127 -7.36 -5.66 6.48
N ASP A 128 -7.52 -6.57 7.42
CA ASP A 128 -8.82 -6.70 8.01
C ASP A 128 -9.25 -5.34 8.60
N GLY A 129 -10.49 -4.95 8.35
CA GLY A 129 -11.04 -3.71 8.89
C GLY A 129 -10.86 -2.49 8.00
N THR A 130 -10.06 -2.61 6.95
CA THR A 130 -9.80 -1.51 6.00
C THR A 130 -11.07 -0.92 5.42
N ASN A 131 -11.33 0.35 5.75
CA ASN A 131 -12.56 0.98 5.25
C ASN A 131 -13.81 0.25 5.69
N GLY A 132 -13.71 -0.53 6.78
CA GLY A 132 -14.86 -1.21 7.31
C GLY A 132 -15.02 -2.62 6.83
N TYR A 133 -14.23 -3.03 5.85
CA TYR A 133 -14.34 -4.37 5.31
C TYR A 133 -13.56 -5.41 6.09
N PRO A 134 -14.22 -6.49 6.48
CA PRO A 134 -13.56 -7.59 7.21
C PRO A 134 -12.57 -8.25 6.28
N GLY A 135 -11.44 -8.75 6.81
CA GLY A 135 -10.38 -9.37 6.00
C GLY A 135 -9.51 -10.19 6.87
N LYS A 136 -8.22 -10.27 6.59
CA LYS A 136 -7.62 -9.62 5.47
C LYS A 136 -7.99 -10.32 4.19
N ILE A 137 -7.91 -9.55 3.09
CA ILE A 137 -8.24 -10.09 1.77
C ILE A 137 -6.98 -10.04 0.94
N GLU A 138 -6.49 -11.18 0.52
CA GLU A 138 -5.31 -11.12 -0.32
C GLU A 138 -5.83 -11.10 -1.74
N MET A 139 -5.52 -10.03 -2.52
CA MET A 139 -6.02 -9.95 -3.88
C MET A 139 -4.93 -9.89 -4.95
N SER A 140 -5.25 -10.37 -6.15
CA SER A 140 -4.34 -10.33 -7.26
C SER A 140 -5.18 -10.04 -8.48
N VAL A 141 -4.65 -9.23 -9.37
CA VAL A 141 -5.33 -8.92 -10.60
C VAL A 141 -4.25 -9.12 -11.65
N THR A 142 -4.57 -9.96 -12.61
CA THR A 142 -3.62 -10.25 -13.68
C THR A 142 -4.13 -9.69 -14.98
N HIS A 143 -3.41 -8.76 -15.51
CA HIS A 143 -3.73 -8.17 -16.76
C HIS A 143 -2.80 -8.86 -17.78
N SER A 144 -3.35 -9.42 -18.81
CA SER A 144 -2.46 -10.01 -19.79
C SER A 144 -2.82 -9.53 -21.19
N PHE A 145 -1.81 -9.53 -22.07
CA PHE A 145 -1.99 -9.12 -23.46
C PHE A 145 -1.38 -10.13 -24.41
N ASP A 146 -2.10 -10.47 -25.48
CA ASP A 146 -1.52 -11.49 -26.36
C ASP A 146 -1.39 -11.12 -27.83
N ASP A 147 -0.77 -12.02 -28.56
CA ASP A 147 -0.66 -11.73 -29.96
C ASP A 147 -1.98 -11.63 -30.70
N ASP A 148 -3.09 -12.08 -30.09
CA ASP A 148 -4.36 -11.97 -30.79
C ASP A 148 -5.07 -10.67 -30.45
N ASN A 149 -4.39 -9.79 -29.74
CA ASN A 149 -5.00 -8.52 -29.40
C ASN A 149 -6.05 -8.66 -28.32
N LYS A 150 -5.95 -9.73 -27.51
CA LYS A 150 -6.91 -9.90 -26.42
C LYS A 150 -6.33 -9.37 -25.11
N TRP A 151 -7.04 -8.45 -24.48
CA TRP A 151 -6.61 -7.97 -23.18
C TRP A 151 -7.53 -8.63 -22.16
N LYS A 152 -6.94 -9.51 -21.38
CA LYS A 152 -7.66 -10.26 -20.37
C LYS A 152 -7.36 -9.79 -18.91
N ILE A 153 -8.38 -9.73 -18.06
CA ILE A 153 -8.22 -9.35 -16.65
C ILE A 153 -8.72 -10.54 -15.84
N HIS A 154 -7.83 -11.06 -15.03
CA HIS A 154 -8.23 -12.17 -14.23
C HIS A 154 -8.08 -11.80 -12.78
N TYR A 155 -9.17 -11.87 -12.04
CA TYR A 155 -9.10 -11.53 -10.62
C TYR A 155 -9.12 -12.76 -9.70
N GLU A 156 -8.37 -12.67 -8.61
CA GLU A 156 -8.41 -13.73 -7.64
C GLU A 156 -8.36 -13.11 -6.24
N ALA A 157 -9.08 -13.69 -5.26
CA ALA A 157 -9.01 -13.18 -3.88
C ALA A 157 -9.36 -14.27 -2.87
N ILE A 158 -8.74 -14.15 -1.67
CA ILE A 158 -8.97 -15.02 -0.51
C ILE A 158 -9.03 -14.18 0.73
N SER A 159 -10.06 -14.40 1.52
CA SER A 159 -10.27 -13.65 2.75
C SER A 159 -10.15 -14.54 3.98
N ASP A 160 -9.62 -13.98 5.07
CA ASP A 160 -9.51 -14.74 6.29
C ASP A 160 -10.87 -14.75 6.99
N LYS A 161 -11.78 -13.87 6.60
CA LYS A 161 -13.07 -13.80 7.25
C LYS A 161 -14.14 -13.57 6.23
N ASP A 162 -15.37 -13.90 6.60
CA ASP A 162 -16.49 -13.67 5.70
C ASP A 162 -16.54 -12.18 5.41
N THR A 163 -16.67 -11.87 4.17
CA THR A 163 -16.70 -10.49 3.78
C THR A 163 -17.54 -10.33 2.49
N VAL A 164 -17.32 -9.22 1.77
CA VAL A 164 -18.00 -8.92 0.52
C VAL A 164 -16.94 -8.65 -0.49
N PHE A 165 -17.17 -9.03 -1.76
CA PHE A 165 -16.12 -8.79 -2.75
C PHE A 165 -16.71 -8.76 -4.15
N ASN A 166 -16.49 -7.67 -4.90
CA ASN A 166 -17.05 -7.55 -6.23
C ASN A 166 -16.44 -6.44 -6.97
N PRO A 167 -15.18 -6.62 -7.28
CA PRO A 167 -14.44 -5.61 -7.98
C PRO A 167 -14.75 -5.51 -9.48
N THR A 168 -14.19 -4.47 -10.11
CA THR A 168 -14.35 -4.28 -11.54
C THR A 168 -13.19 -3.50 -12.12
N GLY A 169 -13.09 -3.50 -13.45
CA GLY A 169 -12.06 -2.74 -14.16
C GLY A 169 -12.78 -1.47 -14.68
N HIS A 170 -12.21 -0.30 -14.47
CA HIS A 170 -12.89 0.92 -14.85
C HIS A 170 -12.29 1.66 -16.06
N VAL A 171 -11.84 0.95 -17.10
CA VAL A 171 -11.31 1.61 -18.28
C VAL A 171 -12.46 2.35 -18.99
N TYR A 172 -12.15 3.45 -19.68
CA TYR A 172 -13.11 4.20 -20.47
C TYR A 172 -12.60 4.10 -21.92
N PHE A 173 -13.45 3.71 -22.81
CA PHE A 173 -13.05 3.64 -24.19
C PHE A 173 -13.47 4.90 -24.90
N ASN A 174 -12.74 5.25 -25.95
CA ASN A 174 -13.07 6.39 -26.81
C ASN A 174 -12.32 6.16 -28.09
N LEU A 175 -12.99 5.54 -29.05
CA LEU A 175 -12.34 5.21 -30.28
C LEU A 175 -12.01 6.41 -31.13
N ASN A 176 -12.45 7.59 -30.72
CA ASN A 176 -12.14 8.80 -31.45
C ASN A 176 -10.69 9.10 -31.17
N GLY A 177 -10.19 8.53 -30.07
CA GLY A 177 -8.80 8.74 -29.68
C GLY A 177 -8.55 10.15 -29.16
N ASP A 178 -9.60 10.83 -28.79
CA ASP A 178 -9.49 12.19 -28.33
C ASP A 178 -10.65 12.45 -27.39
N ALA A 179 -10.38 12.92 -26.16
CA ALA A 179 -11.48 13.16 -25.19
C ALA A 179 -12.43 14.30 -25.50
N SER A 180 -12.01 15.20 -26.39
CA SER A 180 -12.83 16.32 -26.74
C SER A 180 -13.93 15.90 -27.68
N GLU A 181 -13.90 14.62 -28.13
CA GLU A 181 -14.90 14.06 -29.04
C GLU A 181 -15.83 13.03 -28.41
N SER A 182 -17.09 13.32 -28.51
CA SER A 182 -18.11 12.47 -27.96
C SER A 182 -18.17 11.04 -28.59
N VAL A 183 -18.58 10.05 -27.77
CA VAL A 183 -18.68 8.68 -28.26
C VAL A 183 -20.03 8.48 -28.89
N GLU A 184 -20.75 9.56 -29.04
CA GLU A 184 -22.10 9.45 -29.64
C GLU A 184 -22.12 8.82 -31.04
N ASN A 185 -20.96 8.90 -31.70
CA ASN A 185 -20.81 8.33 -33.02
C ASN A 185 -20.50 6.85 -32.95
N HIS A 186 -20.20 6.31 -31.76
CA HIS A 186 -19.94 4.88 -31.73
C HIS A 186 -21.24 4.11 -31.75
N GLY A 187 -21.11 2.89 -32.26
CA GLY A 187 -22.20 1.93 -32.34
C GLY A 187 -21.98 0.94 -31.21
N LEU A 188 -23.05 0.55 -30.58
CA LEU A 188 -22.96 -0.38 -29.48
C LEU A 188 -23.96 -1.51 -29.60
N ARG A 189 -23.53 -2.69 -29.24
CA ARG A 189 -24.40 -3.81 -29.24
C ARG A 189 -24.20 -4.46 -27.90
N LEU A 190 -25.27 -4.84 -27.30
CA LEU A 190 -25.18 -5.41 -25.98
C LEU A 190 -26.29 -6.39 -25.77
N ALA A 191 -25.89 -7.56 -25.31
CA ALA A 191 -26.73 -8.73 -25.05
C ALA A 191 -27.52 -8.72 -23.73
N ALA A 192 -28.30 -7.66 -23.55
CA ALA A 192 -29.09 -7.52 -22.34
C ALA A 192 -30.46 -6.99 -22.67
N SER A 193 -31.45 -7.60 -22.04
CA SER A 193 -32.83 -7.18 -22.27
C SER A 193 -33.39 -6.52 -21.02
N ARG A 194 -32.57 -6.32 -19.98
CA ARG A 194 -33.06 -5.70 -18.75
C ARG A 194 -32.02 -4.80 -18.16
N PHE A 195 -32.53 -3.87 -17.35
CA PHE A 195 -31.65 -2.96 -16.68
C PHE A 195 -32.17 -2.58 -15.30
N VAL A 196 -31.30 -1.97 -14.49
CA VAL A 196 -31.60 -1.56 -13.13
C VAL A 196 -31.64 -0.06 -13.07
N PRO A 197 -32.84 0.46 -12.91
CA PRO A 197 -33.04 1.88 -12.85
C PRO A 197 -32.57 2.48 -11.53
N LEU A 198 -32.24 3.76 -11.61
CA LEU A 198 -31.75 4.45 -10.43
C LEU A 198 -32.86 5.18 -9.70
N LYS A 199 -32.77 5.31 -8.38
CA LYS A 199 -33.81 6.01 -7.64
C LYS A 199 -33.87 7.53 -7.93
N ASP A 200 -32.73 8.18 -8.00
CA ASP A 200 -32.71 9.60 -8.23
C ASP A 200 -31.26 10.00 -8.44
N GLN A 201 -30.96 11.30 -8.36
CA GLN A 201 -29.61 11.81 -8.56
C GLN A 201 -28.60 11.27 -7.56
N THR A 202 -29.04 10.51 -6.57
CA THR A 202 -28.07 9.96 -5.64
C THR A 202 -27.48 8.72 -6.26
N GLU A 203 -28.19 8.22 -7.28
CA GLU A 203 -27.74 7.06 -8.02
C GLU A 203 -27.82 5.73 -7.32
N ILE A 204 -28.59 5.67 -6.24
CA ILE A 204 -28.79 4.41 -5.55
C ILE A 204 -29.85 3.72 -6.38
N VAL A 205 -29.97 2.39 -6.29
CA VAL A 205 -30.99 1.76 -7.10
C VAL A 205 -32.39 2.04 -6.66
N ARG A 206 -33.26 2.06 -7.64
CA ARG A 206 -34.62 2.32 -7.37
C ARG A 206 -35.34 1.18 -6.69
N GLY A 207 -34.92 -0.05 -6.92
CA GLY A 207 -35.62 -1.13 -6.23
C GLY A 207 -36.13 -2.21 -7.18
N ASP A 208 -36.29 -1.85 -8.45
CA ASP A 208 -36.80 -2.78 -9.42
C ASP A 208 -35.91 -3.11 -10.59
N ILE A 209 -36.41 -4.06 -11.36
CA ILE A 209 -35.71 -4.50 -12.57
C ILE A 209 -36.66 -4.24 -13.70
N VAL A 210 -36.15 -3.57 -14.72
CA VAL A 210 -36.92 -3.15 -15.87
C VAL A 210 -36.58 -3.76 -17.21
N ASP A 211 -37.60 -4.19 -17.92
CA ASP A 211 -37.37 -4.75 -19.22
C ASP A 211 -37.18 -3.57 -20.19
N ILE A 212 -36.09 -3.63 -20.98
CA ILE A 212 -35.76 -2.58 -21.91
C ILE A 212 -36.03 -2.91 -23.36
N LYS A 213 -36.50 -4.10 -23.59
CA LYS A 213 -36.79 -4.47 -24.95
C LYS A 213 -37.62 -3.39 -25.63
N ASN A 214 -37.17 -3.02 -26.82
CA ASN A 214 -37.82 -2.01 -27.64
C ASN A 214 -38.01 -0.66 -26.95
N THR A 215 -36.91 -0.12 -26.44
CA THR A 215 -36.85 1.18 -25.80
C THR A 215 -35.55 1.80 -26.30
N ASP A 216 -35.23 3.02 -25.92
CA ASP A 216 -33.98 3.59 -26.45
C ASP A 216 -32.73 2.88 -25.94
N LEU A 217 -32.89 2.09 -24.90
CA LEU A 217 -31.77 1.37 -24.33
C LEU A 217 -31.69 -0.05 -24.80
N ASP A 218 -32.41 -0.40 -25.84
CA ASP A 218 -32.33 -1.75 -26.31
C ASP A 218 -31.18 -1.80 -27.30
N PHE A 219 -30.06 -2.47 -26.96
CA PHE A 219 -28.90 -2.49 -27.83
C PHE A 219 -28.60 -3.87 -28.32
N ARG A 220 -29.63 -4.70 -28.17
CA ARG A 220 -29.54 -6.08 -28.58
C ARG A 220 -29.12 -6.18 -30.04
N GLN A 221 -29.47 -5.11 -30.74
CA GLN A 221 -29.15 -5.00 -32.12
C GLN A 221 -28.32 -3.76 -32.22
N GLU A 222 -27.17 -3.87 -32.85
CA GLU A 222 -26.32 -2.70 -32.92
C GLU A 222 -27.10 -1.43 -33.18
N LYS A 223 -26.69 -0.35 -32.56
CA LYS A 223 -27.24 0.97 -32.68
C LYS A 223 -26.26 2.01 -32.24
N GLN A 224 -26.46 3.20 -32.76
CA GLN A 224 -25.56 4.26 -32.43
C GLN A 224 -25.93 4.90 -31.11
N LEU A 225 -24.89 5.33 -30.41
CA LEU A 225 -25.07 5.94 -29.10
C LEU A 225 -25.96 7.16 -29.03
N SER A 226 -25.83 8.02 -30.03
CA SER A 226 -26.66 9.23 -30.06
C SER A 226 -28.13 8.90 -29.77
N ASN A 227 -28.55 7.77 -30.21
CA ASN A 227 -29.91 7.39 -29.96
C ASN A 227 -30.23 7.44 -28.49
N ALA A 228 -29.43 6.72 -27.73
CA ALA A 228 -29.69 6.68 -26.33
C ALA A 228 -29.52 8.09 -25.78
N PHE A 229 -28.48 8.73 -26.25
CA PHE A 229 -28.18 10.07 -25.80
C PHE A 229 -29.27 11.07 -26.09
N ASN A 230 -30.08 10.84 -27.09
CA ASN A 230 -31.09 11.83 -27.41
C ASN A 230 -32.44 11.42 -26.94
N SER A 231 -32.48 10.34 -26.21
CA SER A 231 -33.75 9.84 -25.72
C SER A 231 -34.33 10.72 -24.64
N ASN A 232 -35.63 10.54 -24.50
CA ASN A 232 -36.39 11.25 -23.49
C ASN A 232 -36.82 10.33 -22.32
N MET A 233 -36.26 9.12 -22.21
CA MET A 233 -36.55 8.21 -21.12
C MET A 233 -36.17 8.94 -19.83
N GLU A 234 -37.02 8.84 -18.84
CA GLU A 234 -36.69 9.55 -17.62
C GLU A 234 -35.32 9.12 -17.07
N GLN A 235 -35.00 7.83 -17.21
CA GLN A 235 -33.72 7.31 -16.70
C GLN A 235 -32.54 7.95 -17.43
N VAL A 236 -32.71 8.21 -18.74
CA VAL A 236 -31.63 8.83 -19.51
C VAL A 236 -31.47 10.29 -19.10
N GLN A 237 -32.61 10.92 -18.91
CA GLN A 237 -32.63 12.30 -18.55
C GLN A 237 -32.16 12.51 -17.14
N LEU A 238 -32.37 11.51 -16.32
CA LEU A 238 -32.00 11.62 -14.94
C LEU A 238 -30.53 11.86 -14.73
N VAL A 239 -29.77 11.07 -15.48
CA VAL A 239 -28.33 11.09 -15.38
C VAL A 239 -27.64 11.82 -16.49
N LYS A 240 -28.42 12.11 -17.54
CA LYS A 240 -27.87 12.81 -18.68
C LYS A 240 -26.96 11.92 -19.50
N GLY A 241 -27.44 10.71 -19.70
CA GLY A 241 -26.68 9.73 -20.46
C GLY A 241 -27.03 8.37 -19.94
N ILE A 242 -25.99 7.54 -19.78
CA ILE A 242 -26.19 6.19 -19.24
C ILE A 242 -25.27 6.05 -18.05
N ASP A 243 -25.77 5.45 -16.97
CA ASP A 243 -24.98 5.23 -15.78
C ASP A 243 -25.75 4.15 -15.07
N HIS A 244 -25.79 2.99 -15.73
CA HIS A 244 -26.59 1.89 -15.24
C HIS A 244 -26.08 0.49 -15.51
N PRO A 245 -26.57 -0.42 -14.64
CA PRO A 245 -26.30 -1.84 -14.71
C PRO A 245 -27.22 -2.51 -15.72
N PHE A 246 -26.66 -3.22 -16.66
CA PHE A 246 -27.52 -3.92 -17.62
C PHE A 246 -27.42 -5.40 -17.29
N LEU A 247 -28.53 -6.12 -17.27
CA LEU A 247 -28.40 -7.54 -16.93
C LEU A 247 -28.19 -8.44 -18.15
N LEU A 248 -27.06 -9.13 -18.24
CA LEU A 248 -26.78 -10.01 -19.35
C LEU A 248 -27.82 -11.11 -19.52
N ASP A 249 -28.24 -11.36 -20.76
CA ASP A 249 -29.23 -12.42 -20.98
C ASP A 249 -28.68 -13.86 -20.86
N GLN A 250 -27.43 -14.04 -21.27
CA GLN A 250 -26.79 -15.35 -21.21
C GLN A 250 -25.40 -15.22 -20.57
N LEU A 251 -25.19 -15.95 -19.47
CA LEU A 251 -23.92 -15.88 -18.80
C LEU A 251 -22.93 -16.88 -19.33
N GLY A 252 -21.67 -16.49 -19.29
CA GLY A 252 -20.63 -17.38 -19.76
C GLY A 252 -19.60 -16.58 -20.52
N LEU A 253 -18.34 -16.99 -20.33
CA LEU A 253 -17.20 -16.33 -20.95
C LEU A 253 -17.05 -16.56 -22.45
N ASP A 254 -17.79 -17.48 -23.00
CA ASP A 254 -17.63 -17.76 -24.41
C ASP A 254 -18.42 -16.86 -25.31
N LYS A 255 -19.46 -16.27 -24.77
CA LYS A 255 -20.36 -15.40 -25.49
C LYS A 255 -19.89 -13.94 -25.59
N GLU A 256 -19.99 -13.33 -26.78
CA GLU A 256 -19.58 -11.94 -26.89
C GLU A 256 -20.75 -11.19 -26.29
N GLN A 257 -20.49 -10.49 -25.19
CA GLN A 257 -21.57 -9.81 -24.49
C GLN A 257 -21.89 -8.42 -24.96
N ALA A 258 -20.88 -7.74 -25.49
CA ALA A 258 -21.10 -6.38 -25.96
C ALA A 258 -20.08 -6.09 -27.01
N ARG A 259 -20.39 -5.14 -27.85
CA ARG A 259 -19.45 -4.77 -28.88
C ARG A 259 -19.52 -3.31 -29.16
N LEU A 260 -18.38 -2.66 -29.11
CA LEU A 260 -18.30 -1.24 -29.35
C LEU A 260 -17.57 -1.02 -30.66
N THR A 261 -18.24 -0.32 -31.56
CA THR A 261 -17.64 -0.11 -32.85
C THR A 261 -17.62 1.30 -33.35
N LEU A 262 -16.52 1.63 -34.05
CA LEU A 262 -16.37 2.91 -34.68
C LEU A 262 -15.58 2.65 -35.95
N ASP A 263 -16.26 2.73 -37.11
CA ASP A 263 -15.65 2.50 -38.41
C ASP A 263 -15.06 1.12 -38.54
N ASP A 264 -13.76 1.10 -38.81
CA ASP A 264 -13.04 -0.15 -39.00
C ASP A 264 -12.72 -0.96 -37.76
N THR A 265 -12.67 -0.25 -36.64
CA THR A 265 -12.29 -0.73 -35.33
C THR A 265 -13.38 -1.09 -34.38
N SER A 266 -13.25 -2.28 -33.81
CA SER A 266 -14.25 -2.72 -32.88
C SER A 266 -13.69 -3.37 -31.62
N ILE A 267 -14.42 -3.21 -30.51
CA ILE A 267 -14.01 -3.79 -29.24
C ILE A 267 -15.08 -4.71 -28.76
N SER A 268 -14.71 -5.95 -28.51
CA SER A 268 -15.63 -6.95 -28.02
C SER A 268 -15.40 -7.22 -26.54
N VAL A 269 -16.47 -7.48 -25.85
CA VAL A 269 -16.37 -7.71 -24.44
C VAL A 269 -16.87 -9.07 -24.04
N PHE A 270 -16.03 -9.77 -23.26
CA PHE A 270 -16.38 -11.09 -22.73
C PHE A 270 -16.21 -11.15 -21.21
N THR A 271 -17.14 -11.82 -20.50
CA THR A 271 -16.94 -11.91 -19.08
C THR A 271 -17.70 -13.06 -18.49
N ASP A 272 -17.33 -13.39 -17.27
CA ASP A 272 -18.04 -14.43 -16.58
C ASP A 272 -18.97 -13.83 -15.54
N GLN A 273 -19.04 -12.51 -15.55
CA GLN A 273 -19.91 -11.76 -14.64
C GLN A 273 -21.31 -11.64 -15.21
N PRO A 274 -22.29 -11.40 -14.33
CA PRO A 274 -23.69 -11.32 -14.77
C PRO A 274 -24.20 -9.96 -15.25
N SER A 275 -23.39 -8.96 -15.06
CA SER A 275 -23.83 -7.66 -15.45
C SER A 275 -22.72 -6.80 -15.96
N ILE A 276 -23.14 -5.75 -16.67
CA ILE A 276 -22.22 -4.78 -17.17
C ILE A 276 -22.80 -3.42 -16.84
N VAL A 277 -22.05 -2.65 -16.06
CA VAL A 277 -22.42 -1.32 -15.73
C VAL A 277 -21.87 -0.37 -16.81
N ILE A 278 -22.76 0.36 -17.46
CA ILE A 278 -22.29 1.26 -18.52
C ILE A 278 -22.41 2.71 -18.12
N PHE A 279 -21.28 3.43 -18.14
CA PHE A 279 -21.30 4.85 -17.78
C PHE A 279 -20.64 5.64 -18.88
N THR A 280 -21.36 6.60 -19.42
CA THR A 280 -20.89 7.43 -20.54
C THR A 280 -20.24 8.77 -20.22
N ALA A 281 -19.42 8.83 -19.21
CA ALA A 281 -18.73 10.07 -18.89
C ALA A 281 -19.62 11.31 -18.93
N ASN A 282 -20.74 11.25 -18.22
CA ASN A 282 -21.70 12.34 -18.15
C ASN A 282 -21.20 13.46 -17.25
N PHE A 283 -20.03 14.04 -17.55
CA PHE A 283 -19.46 15.06 -16.69
C PHE A 283 -19.77 16.52 -17.03
N GLY A 284 -20.69 16.74 -17.94
CA GLY A 284 -21.00 18.11 -18.26
C GLY A 284 -19.78 18.89 -18.78
N ASP A 285 -19.58 20.06 -18.17
CA ASP A 285 -18.57 21.04 -18.47
C ASP A 285 -17.33 20.84 -17.71
N LEU A 286 -17.32 19.80 -16.86
CA LEU A 286 -16.13 19.55 -16.06
C LEU A 286 -14.87 19.81 -16.90
N GLY A 287 -14.75 19.23 -18.09
CA GLY A 287 -13.58 19.49 -18.91
C GLY A 287 -12.26 18.91 -18.44
N THR A 288 -12.24 17.76 -17.76
CA THR A 288 -10.96 17.18 -17.34
C THR A 288 -10.00 17.08 -18.55
N LEU A 289 -8.73 17.35 -18.35
CA LEU A 289 -7.82 17.29 -19.47
C LEU A 289 -7.08 15.98 -19.68
N TYR A 290 -7.29 15.42 -20.86
CA TYR A 290 -6.62 14.18 -21.20
C TYR A 290 -5.72 14.43 -22.38
N HIS A 291 -4.42 14.39 -22.08
CA HIS A 291 -3.41 14.62 -23.09
C HIS A 291 -3.60 16.01 -23.66
N GLU A 292 -3.86 16.93 -22.74
CA GLU A 292 -4.03 18.29 -23.12
C GLU A 292 -5.39 18.57 -23.76
N LYS A 293 -6.22 17.56 -24.04
CA LYS A 293 -7.54 17.74 -24.61
C LYS A 293 -8.64 17.82 -23.53
N LYS A 294 -9.46 18.86 -23.63
CA LYS A 294 -10.53 19.05 -22.67
C LYS A 294 -11.61 18.00 -22.87
N GLN A 295 -11.93 17.26 -21.83
CA GLN A 295 -12.93 16.26 -22.03
C GLN A 295 -14.37 16.74 -22.20
N VAL A 296 -15.08 16.14 -23.12
CA VAL A 296 -16.48 16.55 -23.28
C VAL A 296 -17.48 15.62 -22.59
N HIS A 297 -18.63 16.18 -22.25
CA HIS A 297 -19.68 15.40 -21.69
C HIS A 297 -19.83 14.25 -22.67
N HIS A 298 -19.88 13.00 -22.20
CA HIS A 298 -19.98 11.88 -23.10
C HIS A 298 -18.69 11.55 -23.86
N GLY A 299 -17.57 12.08 -23.40
CA GLY A 299 -16.30 11.80 -24.05
C GLY A 299 -15.67 10.48 -23.59
N GLY A 300 -16.47 9.47 -23.29
CA GLY A 300 -15.91 8.20 -22.86
C GLY A 300 -17.01 7.24 -22.47
N ILE A 301 -16.70 5.93 -22.42
CA ILE A 301 -17.72 4.95 -22.02
C ILE A 301 -17.06 3.77 -21.34
N THR A 302 -17.66 3.29 -20.27
CA THR A 302 -17.10 2.15 -19.55
C THR A 302 -17.88 0.87 -19.77
N PHE A 303 -17.28 -0.25 -19.45
CA PHE A 303 -17.98 -1.53 -19.49
C PHE A 303 -17.53 -2.19 -18.20
N GLU A 304 -18.19 -1.87 -17.11
CA GLU A 304 -17.79 -2.41 -15.82
C GLU A 304 -18.45 -3.73 -15.56
N CYS A 305 -17.72 -4.83 -15.78
CA CYS A 305 -18.27 -6.16 -15.58
C CYS A 305 -18.22 -6.57 -14.13
N GLN A 306 -19.34 -6.92 -13.56
CA GLN A 306 -19.33 -7.29 -12.16
C GLN A 306 -20.76 -7.74 -11.83
N VAL A 307 -21.05 -8.00 -10.56
CA VAL A 307 -22.40 -8.35 -10.12
C VAL A 307 -22.99 -6.95 -10.03
N SER A 308 -24.22 -6.76 -10.46
CA SER A 308 -24.83 -5.47 -10.46
C SER A 308 -24.83 -4.81 -9.09
N PRO A 309 -24.73 -3.48 -9.06
CA PRO A 309 -24.82 -2.84 -7.77
C PRO A 309 -26.26 -2.91 -7.31
N GLY A 310 -26.53 -2.69 -6.04
CA GLY A 310 -27.92 -2.71 -5.57
C GLY A 310 -28.43 -4.00 -5.02
N SER A 311 -27.59 -5.05 -4.93
CA SER A 311 -28.05 -6.38 -4.44
C SER A 311 -28.50 -6.34 -3.00
N GLU A 312 -28.04 -5.29 -2.30
CA GLU A 312 -28.43 -5.10 -0.90
C GLU A 312 -29.91 -4.87 -0.83
N GLN A 313 -30.44 -4.25 -1.88
CA GLN A 313 -31.87 -3.98 -1.94
C GLN A 313 -32.63 -4.92 -2.88
N ILE A 314 -31.97 -5.52 -3.89
CA ILE A 314 -32.59 -6.43 -4.88
C ILE A 314 -31.77 -7.69 -4.96
N PRO A 315 -32.06 -8.61 -4.05
CA PRO A 315 -31.33 -9.85 -3.94
C PRO A 315 -31.26 -10.69 -5.18
N GLU A 316 -32.29 -10.60 -6.00
CA GLU A 316 -32.33 -11.32 -7.25
C GLU A 316 -31.08 -11.00 -8.09
N LEU A 317 -30.50 -9.82 -7.87
CA LEU A 317 -29.33 -9.41 -8.62
C LEU A 317 -28.16 -10.29 -8.34
N GLY A 318 -28.16 -10.96 -7.21
CA GLY A 318 -27.01 -11.79 -6.91
C GLY A 318 -26.51 -11.59 -5.48
N ASP A 319 -25.32 -12.07 -5.23
CA ASP A 319 -24.82 -11.95 -3.88
C ASP A 319 -23.35 -11.80 -3.91
N ILE A 320 -22.85 -10.78 -3.24
CA ILE A 320 -21.39 -10.55 -3.32
C ILE A 320 -20.62 -11.07 -2.13
N SER A 321 -21.25 -11.92 -1.36
CA SER A 321 -20.59 -12.48 -0.20
C SER A 321 -19.41 -13.29 -0.64
N LEU A 322 -18.40 -13.25 0.21
CA LEU A 322 -17.19 -14.01 0.04
C LEU A 322 -16.95 -14.64 1.39
N LYS A 323 -17.11 -15.96 1.50
CA LYS A 323 -16.87 -16.69 2.75
C LYS A 323 -15.41 -16.94 3.06
N ALA A 324 -15.07 -16.89 4.35
CA ALA A 324 -13.67 -17.15 4.72
C ALA A 324 -13.15 -18.41 4.06
N GLY A 325 -11.96 -18.30 3.48
CA GLY A 325 -11.32 -19.43 2.83
C GLY A 325 -11.80 -19.77 1.44
N GLU A 326 -12.87 -19.15 0.92
CA GLU A 326 -13.30 -19.48 -0.44
C GLU A 326 -12.44 -18.70 -1.40
N LYS A 327 -12.19 -19.24 -2.57
CA LYS A 327 -11.39 -18.50 -3.50
C LYS A 327 -12.26 -17.78 -4.54
N TYR A 328 -12.17 -16.46 -4.57
CA TYR A 328 -12.92 -15.68 -5.54
C TYR A 328 -12.19 -15.68 -6.86
N GLN A 329 -12.92 -15.82 -7.97
CA GLN A 329 -12.30 -15.74 -9.29
C GLN A 329 -13.20 -14.97 -10.24
N ALA A 330 -12.63 -14.21 -11.12
CA ALA A 330 -13.41 -13.48 -12.10
C ALA A 330 -12.55 -13.21 -13.32
N THR A 331 -13.21 -13.17 -14.48
CA THR A 331 -12.49 -12.94 -15.72
C THR A 331 -13.25 -12.09 -16.68
N THR A 332 -12.54 -11.12 -17.21
CA THR A 332 -13.11 -10.19 -18.17
C THR A 332 -12.12 -9.96 -19.30
N ILE A 333 -12.61 -10.03 -20.55
CA ILE A 333 -11.75 -9.87 -21.72
C ILE A 333 -12.20 -8.80 -22.67
N TYR A 334 -11.23 -8.02 -23.08
CA TYR A 334 -11.53 -6.98 -24.05
C TYR A 334 -10.74 -7.33 -25.28
N SER A 335 -11.43 -7.71 -26.33
CA SER A 335 -10.74 -8.10 -27.53
C SER A 335 -10.83 -7.02 -28.60
N LEU A 336 -9.71 -6.66 -29.20
CA LEU A 336 -9.62 -5.65 -30.27
C LEU A 336 -9.57 -6.27 -31.69
N HIS A 337 -10.41 -5.74 -32.61
CA HIS A 337 -10.48 -6.19 -34.01
C HIS A 337 -10.49 -5.02 -34.99
N THR A 338 -9.90 -5.27 -36.14
CA THR A 338 -9.86 -4.27 -37.20
C THR A 338 -10.32 -4.84 -38.51
N LYS A 339 -11.32 -4.21 -39.10
CA LYS A 339 -11.80 -4.76 -40.33
C LYS A 339 -10.85 -4.59 -41.50
N LEU A 340 -10.64 -5.70 -42.22
CA LEU A 340 -9.80 -5.77 -43.42
C LEU A 340 -10.73 -6.07 -44.60
N SER B 2 24.99 12.66 -5.43
CA SER B 2 24.28 12.14 -6.57
C SER B 2 23.15 11.29 -6.12
N ILE B 3 22.13 11.23 -6.95
CA ILE B 3 20.93 10.44 -6.71
C ILE B 3 20.77 9.47 -7.84
N LYS B 4 20.46 8.23 -7.53
CA LYS B 4 20.27 7.21 -8.52
C LYS B 4 19.05 6.41 -8.12
N ILE B 5 18.30 5.95 -9.11
CA ILE B 5 17.13 5.15 -8.83
C ILE B 5 17.01 4.01 -9.82
N ARG B 6 16.57 2.84 -9.35
CA ARG B 6 16.38 1.66 -10.17
C ARG B 6 15.35 0.79 -9.53
N ASP B 7 14.84 -0.14 -10.32
CA ASP B 7 13.87 -1.06 -9.82
C ASP B 7 14.59 -1.94 -8.78
N PHE B 8 13.86 -2.30 -7.73
CA PHE B 8 14.42 -3.13 -6.65
C PHE B 8 13.74 -4.47 -6.59
N GLY B 9 12.63 -4.64 -7.35
CA GLY B 9 11.96 -5.91 -7.38
C GLY B 9 10.51 -5.75 -6.97
N LEU B 10 9.64 -6.55 -7.57
CA LEU B 10 8.25 -6.52 -7.23
C LEU B 10 7.56 -5.19 -7.41
N GLY B 11 8.23 -4.28 -8.05
CA GLY B 11 7.62 -2.99 -8.26
C GLY B 11 8.17 -1.95 -7.32
N SER B 12 9.08 -2.32 -6.41
CA SER B 12 9.63 -1.31 -5.52
C SER B 12 10.88 -0.73 -6.18
N ASP B 13 11.31 0.42 -5.68
CA ASP B 13 12.52 1.01 -6.24
C ASP B 13 13.59 1.13 -5.17
N LEU B 14 14.82 1.31 -5.64
CA LEU B 14 15.97 1.52 -4.77
C LEU B 14 16.44 2.93 -5.08
N ILE B 15 16.56 3.79 -4.05
CA ILE B 15 16.99 5.18 -4.25
C ILE B 15 18.31 5.23 -3.55
N SER B 16 19.37 5.52 -4.29
CA SER B 16 20.70 5.51 -3.68
C SER B 16 21.35 6.89 -3.75
N LEU B 17 21.86 7.34 -2.63
CA LEU B 17 22.48 8.64 -2.59
C LEU B 17 23.92 8.55 -2.15
N THR B 18 24.71 9.49 -2.68
CA THR B 18 26.12 9.57 -2.33
C THR B 18 26.30 10.99 -1.94
N ASN B 19 26.91 11.24 -0.80
CA ASN B 19 27.09 12.60 -0.41
C ASN B 19 28.46 13.07 -0.91
N LYS B 20 28.84 14.29 -0.59
CA LYS B 20 30.10 14.79 -1.05
C LYS B 20 31.29 14.08 -0.40
N ALA B 21 31.08 13.45 0.75
CA ALA B 21 32.16 12.74 1.39
C ALA B 21 32.34 11.36 0.81
N GLY B 22 31.47 10.96 -0.11
CA GLY B 22 31.60 9.64 -0.71
C GLY B 22 30.83 8.52 0.02
N VAL B 23 30.12 8.89 1.09
CA VAL B 23 29.36 7.92 1.83
C VAL B 23 28.09 7.70 1.05
N THR B 24 27.67 6.44 0.96
CA THR B 24 26.44 6.14 0.23
C THR B 24 25.38 5.52 1.12
N ILE B 25 24.13 5.84 0.82
CA ILE B 25 23.10 5.29 1.62
C ILE B 25 21.94 5.00 0.65
N SER B 26 21.14 3.96 0.93
CA SER B 26 20.04 3.63 0.05
C SER B 26 18.75 3.24 0.75
N PHE B 27 17.66 3.61 0.07
CA PHE B 27 16.30 3.34 0.58
C PHE B 27 15.40 2.72 -0.47
N THR B 28 14.28 2.14 0.02
CA THR B 28 13.28 1.59 -0.86
C THR B 28 11.92 2.00 -0.34
N ASN B 29 11.00 2.14 -1.30
CA ASN B 29 9.64 2.53 -0.94
C ASN B 29 8.89 1.35 -0.37
N LEU B 30 9.53 0.19 -0.41
CA LEU B 30 8.84 -0.95 0.17
C LEU B 30 9.02 -0.83 1.69
N GLY B 31 8.00 -0.31 2.39
CA GLY B 31 8.10 -0.09 3.82
C GLY B 31 8.94 1.16 4.24
N ALA B 32 9.17 2.14 3.36
CA ALA B 32 9.91 3.40 3.62
C ALA B 32 11.12 3.04 4.46
N ARG B 33 11.96 2.23 3.86
CA ARG B 33 13.06 1.61 4.52
C ARG B 33 14.43 1.82 4.03
N ILE B 34 15.34 1.82 4.99
CA ILE B 34 16.77 1.92 4.66
C ILE B 34 17.26 0.54 4.25
N VAL B 35 18.00 0.48 3.13
CA VAL B 35 18.47 -0.82 2.64
C VAL B 35 19.93 -1.00 2.94
N ASP B 36 20.67 0.05 2.72
CA ASP B 36 22.11 -0.01 2.97
C ASP B 36 22.73 1.33 3.31
N TRP B 37 23.92 1.25 3.90
CA TRP B 37 24.69 2.39 4.31
C TRP B 37 26.11 1.92 4.33
N GLN B 38 26.93 2.47 3.43
CA GLN B 38 28.30 2.03 3.38
C GLN B 38 29.31 3.12 3.40
N LYS B 39 30.42 2.72 3.98
CA LYS B 39 31.55 3.60 4.05
C LYS B 39 32.72 2.81 3.59
N ASP B 40 33.45 3.34 2.61
CA ASP B 40 34.61 2.63 2.12
C ASP B 40 34.33 1.18 1.75
N GLY B 41 33.20 0.94 1.15
CA GLY B 41 32.84 -0.38 0.72
C GLY B 41 32.37 -1.31 1.82
N LYS B 42 32.16 -0.78 3.00
CA LYS B 42 31.72 -1.67 4.06
C LYS B 42 30.32 -1.34 4.53
N HIS B 43 29.48 -2.39 4.71
CA HIS B 43 28.14 -2.20 5.20
C HIS B 43 28.16 -1.86 6.69
N LEU B 44 27.46 -0.80 7.09
CA LEU B 44 27.34 -0.34 8.48
C LEU B 44 26.06 -0.93 9.14
N ILE B 45 25.12 -1.34 8.27
CA ILE B 45 23.84 -1.91 8.69
C ILE B 45 23.55 -3.20 7.94
N LEU B 46 22.53 -3.87 8.42
CA LEU B 46 22.11 -5.10 7.78
C LEU B 46 21.04 -4.82 6.73
N GLY B 47 21.09 -5.53 5.62
CA GLY B 47 20.05 -5.40 4.61
C GLY B 47 20.25 -6.49 3.56
N PHE B 48 19.25 -6.67 2.73
CA PHE B 48 19.21 -7.65 1.64
C PHE B 48 19.48 -7.03 0.28
N ASP B 49 19.54 -7.86 -0.76
CA ASP B 49 19.84 -7.30 -2.05
C ASP B 49 18.66 -7.12 -2.96
N SER B 50 17.50 -7.44 -2.46
CA SER B 50 16.34 -7.29 -3.26
C SER B 50 15.12 -7.30 -2.39
N ALA B 51 14.11 -6.80 -2.97
CA ALA B 51 12.82 -6.71 -2.34
C ALA B 51 12.22 -8.05 -1.85
N LYS B 52 12.24 -9.07 -2.69
CA LYS B 52 11.71 -10.39 -2.38
C LYS B 52 12.31 -10.98 -1.12
N GLU B 53 13.59 -10.66 -0.88
CA GLU B 53 14.30 -11.17 0.28
C GLU B 53 13.66 -10.64 1.52
N TYR B 54 13.29 -9.37 1.44
CA TYR B 54 12.66 -8.80 2.60
C TYR B 54 11.34 -9.51 2.88
N LEU B 55 10.58 -9.73 1.81
CA LEU B 55 9.32 -10.37 1.97
C LEU B 55 9.46 -11.86 2.33
N GLU B 56 10.49 -12.50 1.86
CA GLU B 56 10.61 -13.90 2.22
C GLU B 56 11.46 -14.19 3.46
N LYS B 57 12.45 -13.34 3.80
CA LYS B 57 13.24 -13.69 4.98
C LYS B 57 12.78 -12.98 6.23
N ASP B 58 12.84 -11.66 6.19
CA ASP B 58 12.44 -10.87 7.34
C ASP B 58 12.09 -9.53 6.84
N ALA B 59 10.86 -9.18 7.03
CA ALA B 59 10.41 -7.89 6.54
C ALA B 59 10.64 -6.67 7.45
N TYR B 60 11.25 -6.82 8.64
CA TYR B 60 11.44 -5.66 9.50
C TYR B 60 12.70 -4.90 9.31
N PRO B 61 13.74 -5.59 8.94
CA PRO B 61 14.98 -4.81 8.85
C PRO B 61 14.93 -3.52 8.08
N GLY B 62 15.34 -2.45 8.76
CA GLY B 62 15.44 -1.10 8.21
C GLY B 62 14.09 -0.45 7.92
N ALA B 63 13.00 -1.14 8.24
CA ALA B 63 11.74 -0.51 7.86
C ALA B 63 11.17 0.53 8.76
N THR B 64 10.15 1.21 8.20
CA THR B 64 9.40 2.10 9.02
C THR B 64 8.32 1.13 9.59
N VAL B 65 8.12 1.05 10.91
CA VAL B 65 7.08 0.17 11.48
C VAL B 65 6.05 0.96 12.31
N GLY B 66 4.77 0.57 12.24
CA GLY B 66 3.75 1.24 13.00
C GLY B 66 2.48 0.65 12.52
N PRO B 67 1.40 1.36 12.75
CA PRO B 67 1.31 2.65 13.41
C PRO B 67 1.89 2.75 14.83
N THR B 68 1.97 1.61 15.53
CA THR B 68 2.50 1.51 16.87
C THR B 68 3.60 0.50 16.88
N ALA B 69 4.77 0.93 17.32
CA ALA B 69 5.86 0.03 17.36
C ALA B 69 5.90 -0.76 18.65
N GLY B 70 6.24 -2.04 18.54
CA GLY B 70 6.38 -2.92 19.71
C GLY B 70 5.12 -3.68 19.96
N ARG B 71 5.03 -4.32 21.12
CA ARG B 71 3.85 -5.10 21.53
C ARG B 71 2.82 -4.39 22.40
N ILE B 72 1.54 -4.57 22.10
CA ILE B 72 0.40 -4.06 22.85
C ILE B 72 -0.29 -5.31 23.37
N LYS B 73 -0.25 -5.46 24.69
CA LYS B 73 -0.83 -6.61 25.41
C LYS B 73 -2.28 -6.88 25.01
N ASP B 74 -2.55 -8.11 24.49
CA ASP B 74 -3.88 -8.47 24.07
C ASP B 74 -4.46 -7.59 22.98
N GLY B 75 -3.64 -6.74 22.33
CA GLY B 75 -4.04 -5.80 21.28
C GLY B 75 -5.12 -4.82 21.73
N LEU B 76 -5.08 -4.45 23.00
CA LEU B 76 -6.08 -3.55 23.53
C LEU B 76 -5.58 -2.17 23.89
N VAL B 77 -6.27 -1.17 23.33
CA VAL B 77 -5.97 0.23 23.57
C VAL B 77 -7.26 0.93 23.89
N LYS B 78 -7.13 2.01 24.61
CA LYS B 78 -8.25 2.81 24.98
C LYS B 78 -8.10 4.13 24.29
N ILE B 79 -9.07 4.44 23.44
CA ILE B 79 -9.03 5.69 22.69
C ILE B 79 -10.22 6.58 22.98
N SER B 80 -9.97 7.62 23.74
CA SER B 80 -11.03 8.54 24.10
C SER B 80 -12.19 7.86 24.81
N GLY B 81 -11.77 7.09 25.83
CA GLY B 81 -12.67 6.33 26.69
C GLY B 81 -13.22 5.10 26.05
N LYS B 82 -12.80 4.86 24.85
CA LYS B 82 -13.30 3.70 24.19
C LYS B 82 -12.20 2.69 24.02
N ASP B 83 -12.60 1.42 24.25
CA ASP B 83 -11.72 0.28 24.12
C ASP B 83 -11.69 -0.19 22.67
N TYR B 84 -10.49 -0.40 22.11
CA TYR B 84 -10.39 -0.87 20.74
C TYR B 84 -9.48 -2.01 20.72
N ILE B 85 -9.84 -3.01 19.96
CA ILE B 85 -9.00 -4.18 19.80
C ILE B 85 -8.40 -4.18 18.40
N LEU B 86 -7.09 -4.20 18.39
CA LEU B 86 -6.35 -4.20 17.17
C LEU B 86 -5.98 -5.59 16.71
N ASN B 87 -5.46 -5.65 15.49
CA ASN B 87 -5.07 -6.93 14.91
C ASN B 87 -4.05 -7.61 15.79
N GLN B 88 -4.27 -8.86 16.09
CA GLN B 88 -3.34 -9.61 16.94
C GLN B 88 -2.57 -10.57 16.06
N ASN B 89 -1.29 -10.33 15.94
CA ASN B 89 -0.47 -11.15 15.06
C ASN B 89 0.63 -11.89 15.81
N GLU B 90 0.71 -11.73 17.13
CA GLU B 90 1.73 -12.45 17.91
C GLU B 90 0.98 -12.99 19.09
N GLY B 91 0.39 -14.13 18.89
CA GLY B 91 -0.46 -14.66 19.92
C GLY B 91 -1.57 -13.63 20.12
N PRO B 92 -1.91 -13.27 21.35
CA PRO B 92 -2.95 -12.29 21.55
C PRO B 92 -2.43 -10.85 21.45
N GLN B 93 -1.19 -10.75 21.14
CA GLN B 93 -0.56 -9.49 21.03
C GLN B 93 -0.56 -8.90 19.62
N THR B 94 -0.61 -7.57 19.64
CA THR B 94 -0.49 -6.77 18.43
C THR B 94 0.97 -6.34 18.43
N LEU B 95 1.75 -6.84 17.50
CA LEU B 95 3.18 -6.50 17.44
C LEU B 95 3.44 -5.68 16.17
N ASN B 96 4.16 -4.55 16.31
CA ASN B 96 4.50 -3.67 15.18
C ASN B 96 3.37 -3.39 14.23
N GLY B 97 2.24 -3.04 14.83
CA GLY B 97 1.07 -2.64 14.08
C GLY B 97 0.22 -3.74 13.47
N GLY B 98 0.44 -5.00 13.81
CA GLY B 98 -0.43 -6.01 13.21
C GLY B 98 0.14 -6.70 11.96
N GLU B 99 -0.60 -7.67 11.45
CA GLU B 99 -0.10 -8.33 10.28
C GLU B 99 -0.13 -7.44 9.03
N GLU B 100 0.78 -7.79 8.09
CA GLU B 100 0.84 -7.11 6.80
C GLU B 100 0.68 -5.62 6.99
N SER B 101 1.46 -5.09 7.92
CA SER B 101 1.43 -3.68 8.26
C SER B 101 2.25 -2.83 7.27
N ILE B 102 2.43 -1.59 7.64
CA ILE B 102 3.03 -0.58 6.79
C ILE B 102 4.38 -0.86 6.25
N HIS B 103 5.06 -1.82 6.93
CA HIS B 103 6.43 -2.15 6.56
C HIS B 103 6.42 -3.08 5.32
N THR B 104 5.19 -3.51 4.98
CA THR B 104 5.03 -4.39 3.87
C THR B 104 4.39 -3.72 2.68
N LYS B 105 4.07 -2.44 2.79
CA LYS B 105 3.42 -1.74 1.69
C LYS B 105 4.41 -0.93 0.87
N LEU B 106 3.97 -0.66 -0.36
CA LEU B 106 4.75 0.17 -1.28
C LEU B 106 4.27 1.58 -1.03
N TRP B 107 5.15 2.46 -0.56
CA TRP B 107 4.74 3.85 -0.32
C TRP B 107 5.08 4.69 -1.54
N THR B 108 4.32 5.76 -1.78
CA THR B 108 4.69 6.64 -2.91
C THR B 108 5.77 7.52 -2.37
N TYR B 109 6.54 8.16 -3.24
CA TYR B 109 7.60 9.02 -2.74
C TYR B 109 8.00 10.07 -3.77
N GLU B 110 8.69 11.09 -3.28
CA GLU B 110 9.23 12.18 -4.06
C GLU B 110 10.54 12.55 -3.42
N VAL B 111 11.52 12.84 -4.26
CA VAL B 111 12.83 13.20 -3.85
C VAL B 111 13.07 14.68 -4.02
N THR B 112 13.68 15.32 -3.01
CA THR B 112 14.00 16.73 -3.08
C THR B 112 15.49 16.95 -2.82
N ASP B 113 16.12 17.49 -3.84
CA ASP B 113 17.52 17.76 -3.82
C ASP B 113 17.80 19.17 -3.35
N LEU B 114 18.46 19.28 -2.21
CA LEU B 114 18.80 20.54 -1.64
C LEU B 114 20.26 20.75 -1.68
N GLY B 115 20.88 20.03 -2.55
CA GLY B 115 22.30 20.22 -2.65
C GLY B 115 23.10 19.53 -1.58
N ALA B 116 23.25 20.17 -0.42
CA ALA B 116 24.04 19.52 0.60
C ALA B 116 23.26 18.50 1.36
N GLU B 117 21.98 18.53 1.09
CA GLU B 117 21.08 17.60 1.73
C GLU B 117 20.09 17.07 0.69
N VAL B 118 19.76 15.78 0.74
CA VAL B 118 18.80 15.21 -0.19
C VAL B 118 17.70 14.59 0.64
N GLN B 119 16.45 14.92 0.33
CA GLN B 119 15.37 14.36 1.08
C GLN B 119 14.50 13.36 0.31
N VAL B 120 14.12 12.27 0.96
CA VAL B 120 13.24 11.27 0.33
C VAL B 120 12.02 11.18 1.24
N LYS B 121 10.91 11.69 0.73
CA LYS B 121 9.67 11.71 1.43
C LYS B 121 8.72 10.66 0.89
N PHE B 122 8.44 9.68 1.75
CA PHE B 122 7.55 8.58 1.44
C PHE B 122 6.19 8.84 2.04
N SER B 123 5.14 8.51 1.30
CA SER B 123 3.83 8.76 1.85
C SER B 123 2.89 7.57 1.78
N LEU B 124 2.02 7.50 2.75
CA LEU B 124 1.07 6.42 2.72
C LEU B 124 -0.07 6.80 3.60
N VAL B 125 -1.20 6.28 3.23
CA VAL B 125 -2.41 6.50 3.98
C VAL B 125 -2.87 5.22 4.61
N SER B 126 -3.10 5.23 5.91
CA SER B 126 -3.68 4.07 6.62
C SER B 126 -5.16 4.30 6.66
N ASN B 127 -5.94 3.55 5.89
CA ASN B 127 -7.39 3.79 5.88
C ASN B 127 -8.01 3.63 7.25
N ASP B 128 -9.15 4.26 7.44
CA ASP B 128 -9.79 4.11 8.72
C ASP B 128 -10.16 2.64 8.94
N GLY B 129 -9.85 2.16 10.11
CA GLY B 129 -10.17 0.77 10.48
C GLY B 129 -9.15 -0.33 10.12
N THR B 130 -8.09 0.05 9.37
CA THR B 130 -7.04 -0.88 8.95
C THR B 130 -6.40 -1.53 10.18
N ASN B 131 -6.50 -2.86 10.28
CA ASN B 131 -5.92 -3.56 11.45
C ASN B 131 -6.50 -3.10 12.79
N GLY B 132 -7.69 -2.45 12.71
CA GLY B 132 -8.41 -2.00 13.91
C GLY B 132 -8.16 -0.58 14.34
N TYR B 133 -7.21 0.07 13.71
CA TYR B 133 -6.88 1.47 14.06
C TYR B 133 -7.85 2.51 13.45
N PRO B 134 -8.40 3.41 14.28
CA PRO B 134 -9.28 4.45 13.77
C PRO B 134 -8.44 5.33 12.87
N GLY B 135 -9.04 5.86 11.77
CA GLY B 135 -8.26 6.71 10.85
C GLY B 135 -9.30 7.54 10.12
N LYS B 136 -9.00 7.92 8.89
CA LYS B 136 -7.76 7.57 8.22
C LYS B 136 -6.56 8.31 8.72
N ILE B 137 -5.36 7.78 8.49
CA ILE B 137 -4.19 8.46 8.96
C ILE B 137 -3.31 8.73 7.77
N GLU B 138 -3.04 10.01 7.46
CA GLU B 138 -2.11 10.32 6.35
C GLU B 138 -0.72 10.40 6.91
N MET B 139 0.14 9.54 6.44
CA MET B 139 1.46 9.54 6.98
C MET B 139 2.53 9.79 5.98
N SER B 140 3.61 10.34 6.51
CA SER B 140 4.76 10.58 5.69
C SER B 140 6.01 10.37 6.52
N VAL B 141 7.00 9.82 5.85
CA VAL B 141 8.27 9.59 6.45
C VAL B 141 9.32 10.20 5.58
N THR B 142 10.08 11.13 6.12
CA THR B 142 11.14 11.68 5.30
C THR B 142 12.55 11.23 5.72
N HIS B 143 13.30 10.58 4.82
CA HIS B 143 14.65 10.17 5.14
C HIS B 143 15.50 11.12 4.38
N SER B 144 16.54 11.63 5.04
CA SER B 144 17.39 12.57 4.37
C SER B 144 18.81 12.26 4.76
N PHE B 145 19.76 12.64 3.87
CA PHE B 145 21.15 12.36 4.13
C PHE B 145 21.88 13.61 3.67
N ASP B 146 22.91 13.97 4.42
CA ASP B 146 23.60 15.18 4.05
C ASP B 146 25.10 15.00 4.02
N ASP B 147 25.73 16.08 3.58
CA ASP B 147 27.18 16.14 3.45
C ASP B 147 27.94 15.99 4.78
N ASP B 148 27.20 16.09 5.90
CA ASP B 148 27.78 15.93 7.23
C ASP B 148 27.61 14.50 7.74
N ASN B 149 27.13 13.60 6.86
CA ASN B 149 26.93 12.18 7.21
C ASN B 149 25.88 11.97 8.24
N LYS B 150 24.81 12.74 8.14
CA LYS B 150 23.73 12.59 9.07
C LYS B 150 22.56 12.03 8.33
N TRP B 151 22.01 10.95 8.86
CA TRP B 151 20.85 10.34 8.25
C TRP B 151 19.69 10.72 9.17
N LYS B 152 18.72 11.49 8.69
CA LYS B 152 17.66 11.85 9.56
C LYS B 152 16.36 11.30 9.05
N ILE B 153 15.50 10.91 10.00
CA ILE B 153 14.17 10.39 9.78
C ILE B 153 13.18 11.35 10.45
N HIS B 154 12.26 11.90 9.68
CA HIS B 154 11.28 12.82 10.19
C HIS B 154 9.91 12.26 9.88
N TYR B 155 9.12 12.04 10.91
CA TYR B 155 7.81 11.46 10.78
C TYR B 155 6.73 12.54 10.93
N GLU B 156 5.69 12.45 10.11
CA GLU B 156 4.55 13.37 10.24
C GLU B 156 3.29 12.57 9.99
N ALA B 157 2.26 12.90 10.76
CA ALA B 157 0.99 12.23 10.61
C ALA B 157 -0.15 13.06 11.17
N ILE B 158 -1.31 12.91 10.49
CA ILE B 158 -2.56 13.54 10.85
C ILE B 158 -3.69 12.54 10.61
N SER B 159 -4.59 12.44 11.59
CA SER B 159 -5.70 11.54 11.55
C SER B 159 -7.04 12.26 11.56
N ASP B 160 -7.99 11.65 10.87
CA ASP B 160 -9.32 12.15 10.78
C ASP B 160 -10.06 11.83 12.04
N LYS B 161 -9.55 10.84 12.78
CA LYS B 161 -10.16 10.37 14.04
C LYS B 161 -9.13 10.22 15.12
N ASP B 162 -9.57 10.28 16.38
CA ASP B 162 -8.67 10.10 17.51
C ASP B 162 -8.13 8.68 17.38
N THR B 163 -6.83 8.51 17.50
CA THR B 163 -6.28 7.17 17.33
C THR B 163 -5.03 7.04 18.21
N VAL B 164 -4.11 6.14 17.86
CA VAL B 164 -2.81 5.98 18.56
C VAL B 164 -1.76 5.98 17.44
N PHE B 165 -0.60 6.57 17.73
CA PHE B 165 0.48 6.66 16.77
C PHE B 165 1.85 6.67 17.49
N ASN B 166 2.76 5.78 17.10
CA ASN B 166 4.03 5.66 17.77
C ASN B 166 4.90 4.72 16.95
N PRO B 167 5.25 5.21 15.80
CA PRO B 167 6.06 4.42 14.89
C PRO B 167 7.55 4.54 15.21
N THR B 168 8.37 3.73 14.57
CA THR B 168 9.81 3.82 14.79
C THR B 168 10.49 3.28 13.54
N GLY B 169 11.83 3.36 13.48
CA GLY B 169 12.65 2.87 12.38
C GLY B 169 13.39 1.68 12.92
N HIS B 170 13.33 0.59 12.16
CA HIS B 170 13.90 -0.67 12.55
C HIS B 170 15.24 -1.07 11.96
N VAL B 171 16.10 -0.10 11.69
CA VAL B 171 17.41 -0.42 11.19
C VAL B 171 18.19 -1.28 12.19
N TYR B 172 19.10 -2.11 11.67
CA TYR B 172 20.00 -2.95 12.44
C TYR B 172 21.42 -2.56 12.08
N PHE B 173 22.18 -2.24 13.06
CA PHE B 173 23.57 -1.93 12.80
C PHE B 173 24.42 -3.15 13.05
N ASN B 174 25.55 -3.19 12.32
CA ASN B 174 26.52 -4.25 12.49
C ASN B 174 27.77 -3.72 11.83
N LEU B 175 28.53 -3.01 12.65
CA LEU B 175 29.76 -2.36 12.18
C LEU B 175 30.83 -3.32 11.70
N ASN B 176 30.59 -4.61 11.91
CA ASN B 176 31.54 -5.60 11.40
C ASN B 176 31.40 -5.68 9.87
N GLY B 177 30.24 -5.25 9.36
CA GLY B 177 29.94 -5.28 7.94
C GLY B 177 29.67 -6.71 7.48
N ASP B 178 29.49 -7.61 8.45
CA ASP B 178 29.24 -9.05 8.18
C ASP B 178 28.29 -9.61 9.21
N ALA B 179 27.12 -10.06 8.76
CA ALA B 179 26.10 -10.55 9.67
C ALA B 179 26.49 -11.76 10.47
N SER B 180 27.55 -12.41 9.98
CA SER B 180 28.02 -13.62 10.62
C SER B 180 28.96 -13.30 11.76
N GLU B 181 29.20 -11.99 11.96
CA GLU B 181 30.04 -11.50 13.03
C GLU B 181 29.16 -10.82 14.06
N SER B 182 29.30 -11.29 15.29
CA SER B 182 28.55 -10.76 16.43
C SER B 182 28.98 -9.35 16.80
N VAL B 183 28.00 -8.55 17.31
CA VAL B 183 28.25 -7.16 17.70
C VAL B 183 28.82 -7.05 19.13
N GLU B 184 29.17 -8.19 19.72
CA GLU B 184 29.70 -8.20 21.07
C GLU B 184 30.97 -7.45 21.18
N ASN B 185 31.58 -7.25 20.05
CA ASN B 185 32.83 -6.55 20.04
C ASN B 185 32.67 -5.04 19.83
N HIS B 186 31.45 -4.57 19.81
CA HIS B 186 31.23 -3.16 19.63
C HIS B 186 31.12 -2.49 20.99
N GLY B 187 31.43 -1.18 21.06
CA GLY B 187 31.32 -0.44 22.32
C GLY B 187 30.01 0.33 22.36
N LEU B 188 29.32 0.33 23.51
CA LEU B 188 28.08 1.05 23.57
C LEU B 188 28.05 2.05 24.76
N ARG B 189 27.59 3.28 24.48
CA ARG B 189 27.37 4.34 25.48
C ARG B 189 25.89 4.69 25.31
N LEU B 190 25.13 4.70 26.42
CA LEU B 190 23.72 4.97 26.36
C LEU B 190 23.29 5.70 27.63
N ALA B 191 22.71 6.87 27.40
CA ALA B 191 22.26 7.80 28.44
C ALA B 191 20.94 7.48 29.09
N ALA B 192 20.91 6.30 29.68
CA ALA B 192 19.71 5.83 30.34
C ALA B 192 20.03 5.08 31.64
N SER B 193 19.30 5.46 32.70
CA SER B 193 19.45 4.87 34.02
C SER B 193 18.40 3.85 34.37
N ARG B 194 17.36 3.75 33.54
CA ARG B 194 16.34 2.78 33.85
C ARG B 194 15.88 2.01 32.63
N PHE B 195 15.27 0.86 32.89
CA PHE B 195 14.72 0.05 31.84
C PHE B 195 13.39 -0.54 32.22
N VAL B 196 12.74 -1.11 31.22
CA VAL B 196 11.44 -1.74 31.39
C VAL B 196 11.54 -3.25 31.20
N PRO B 197 11.36 -3.98 32.29
CA PRO B 197 11.43 -5.43 32.24
C PRO B 197 10.19 -6.02 31.62
N LEU B 198 10.40 -7.18 30.98
CA LEU B 198 9.32 -7.91 30.33
C LEU B 198 8.80 -8.96 31.27
N LYS B 199 7.51 -9.23 31.15
CA LYS B 199 6.95 -10.21 32.06
C LYS B 199 7.43 -11.63 31.92
N ASP B 200 7.51 -12.12 30.68
CA ASP B 200 7.92 -13.47 30.34
C ASP B 200 8.27 -13.56 28.86
N GLN B 201 8.29 -14.79 28.35
CA GLN B 201 8.63 -15.04 26.97
C GLN B 201 7.65 -14.40 25.99
N THR B 202 6.45 -14.01 26.45
CA THR B 202 5.54 -13.38 25.51
C THR B 202 5.97 -11.96 25.25
N GLU B 203 6.93 -11.55 26.06
CA GLU B 203 7.52 -10.25 25.90
C GLU B 203 6.70 -9.01 26.15
N ILE B 204 5.57 -9.13 26.89
CA ILE B 204 4.78 -7.99 27.26
C ILE B 204 5.47 -7.43 28.52
N VAL B 205 5.24 -6.15 28.82
CA VAL B 205 5.89 -5.56 29.96
C VAL B 205 5.49 -6.12 31.31
N ARG B 206 6.47 -6.12 32.20
CA ARG B 206 6.23 -6.64 33.52
C ARG B 206 5.28 -5.78 34.34
N GLY B 207 5.47 -4.46 34.28
CA GLY B 207 4.62 -3.52 34.98
C GLY B 207 5.41 -2.50 35.79
N ASP B 208 6.70 -2.79 35.96
CA ASP B 208 7.55 -1.91 36.71
C ASP B 208 8.70 -1.32 35.89
N ILE B 209 9.30 -0.32 36.48
CA ILE B 209 10.45 0.37 35.89
C ILE B 209 11.58 0.13 36.81
N VAL B 210 12.72 -0.32 36.29
CA VAL B 210 13.80 -0.66 37.15
C VAL B 210 15.06 0.09 36.81
N ASP B 211 15.74 0.52 37.88
CA ASP B 211 17.04 1.21 37.80
C ASP B 211 18.16 0.20 37.46
N ILE B 212 19.00 0.48 36.45
CA ILE B 212 20.00 -0.48 36.05
C ILE B 212 21.42 -0.05 36.31
N LYS B 213 21.55 1.04 37.05
CA LYS B 213 22.86 1.57 37.36
C LYS B 213 23.74 0.51 37.96
N ASN B 214 24.94 0.45 37.46
CA ASN B 214 25.89 -0.50 37.97
C ASN B 214 25.55 -1.93 37.78
N THR B 215 24.72 -2.28 36.80
CA THR B 215 24.42 -3.67 36.50
C THR B 215 25.08 -3.86 35.15
N ASP B 216 25.04 -5.07 34.61
CA ASP B 216 25.63 -5.31 33.28
C ASP B 216 24.83 -4.56 32.20
N LEU B 217 23.64 -3.99 32.53
CA LEU B 217 22.86 -3.25 31.53
C LEU B 217 23.09 -1.73 31.58
N ASP B 218 24.02 -1.32 32.44
CA ASP B 218 24.40 0.07 32.59
C ASP B 218 25.49 0.48 31.61
N PHE B 219 25.15 1.26 30.59
CA PHE B 219 26.12 1.69 29.62
C PHE B 219 26.28 3.19 29.58
N ARG B 220 25.96 3.87 30.69
CA ARG B 220 26.10 5.30 30.70
C ARG B 220 27.53 5.67 30.34
N GLN B 221 28.41 4.81 30.78
CA GLN B 221 29.84 4.92 30.50
C GLN B 221 30.10 3.77 29.50
N GLU B 222 30.80 4.08 28.42
CA GLU B 222 31.02 3.11 27.37
C GLU B 222 31.52 1.77 27.80
N LYS B 223 30.85 0.71 27.36
CA LYS B 223 31.34 -0.64 27.63
C LYS B 223 31.11 -1.58 26.45
N GLN B 224 31.89 -2.69 26.36
CA GLN B 224 31.72 -3.62 25.25
C GLN B 224 30.38 -4.30 25.36
N LEU B 225 29.74 -4.66 24.23
CA LEU B 225 28.44 -5.29 24.34
C LEU B 225 28.53 -6.68 24.93
N SER B 226 29.71 -7.30 24.86
CA SER B 226 29.83 -8.63 25.44
C SER B 226 29.42 -8.70 26.92
N ASN B 227 29.52 -7.56 27.64
CA ASN B 227 29.20 -7.52 29.04
C ASN B 227 27.78 -7.87 29.30
N ALA B 228 26.96 -7.34 28.42
CA ALA B 228 25.53 -7.61 28.50
C ALA B 228 25.23 -9.05 28.07
N PHE B 229 25.83 -9.42 26.95
CA PHE B 229 25.60 -10.73 26.38
C PHE B 229 26.05 -11.83 27.29
N ASN B 230 27.09 -11.55 28.08
CA ASN B 230 27.53 -12.60 28.95
C ASN B 230 26.82 -12.57 30.29
N SER B 231 25.98 -11.59 30.49
CA SER B 231 25.28 -11.50 31.76
C SER B 231 24.25 -12.60 32.05
N ASN B 232 24.12 -13.00 33.31
CA ASN B 232 23.12 -14.02 33.71
C ASN B 232 21.99 -13.38 34.46
N MET B 233 21.90 -12.07 34.27
CA MET B 233 20.80 -11.32 34.88
C MET B 233 19.58 -11.93 34.25
N GLU B 234 18.51 -12.06 35.05
CA GLU B 234 17.28 -12.67 34.64
C GLU B 234 16.74 -12.13 33.33
N GLN B 235 16.76 -10.82 33.24
CA GLN B 235 16.22 -10.21 32.04
C GLN B 235 16.96 -10.61 30.77
N VAL B 236 18.29 -10.74 30.88
CA VAL B 236 19.09 -11.14 29.77
C VAL B 236 18.87 -12.58 29.37
N GLN B 237 18.73 -13.39 30.38
CA GLN B 237 18.49 -14.80 30.14
C GLN B 237 17.13 -15.02 29.54
N LEU B 238 16.22 -14.19 29.97
CA LEU B 238 14.88 -14.34 29.46
C LEU B 238 14.79 -14.19 27.94
N VAL B 239 15.52 -13.21 27.42
CA VAL B 239 15.46 -12.95 26.01
C VAL B 239 16.66 -13.38 25.22
N LYS B 240 17.66 -13.88 25.93
CA LYS B 240 18.93 -14.33 25.32
C LYS B 240 19.69 -13.17 24.69
N GLY B 241 19.68 -12.05 25.39
CA GLY B 241 20.38 -10.83 24.91
C GLY B 241 19.60 -9.64 25.41
N ILE B 242 19.46 -8.58 24.58
CA ILE B 242 18.69 -7.40 24.96
C ILE B 242 17.52 -7.31 24.00
N ASP B 243 16.35 -6.90 24.51
CA ASP B 243 15.14 -6.72 23.74
C ASP B 243 14.25 -5.91 24.65
N HIS B 244 14.75 -4.74 25.00
CA HIS B 244 14.08 -3.88 25.98
C HIS B 244 14.10 -2.42 25.73
N PRO B 245 13.17 -1.73 26.37
CA PRO B 245 13.10 -0.32 26.23
C PRO B 245 13.94 0.27 27.34
N PHE B 246 14.72 1.24 26.96
CA PHE B 246 15.60 1.98 27.85
C PHE B 246 15.04 3.41 27.96
N LEU B 247 14.87 3.89 29.19
CA LEU B 247 14.31 5.22 29.39
C LEU B 247 15.40 6.24 29.38
N LEU B 248 15.32 7.18 28.44
CA LEU B 248 16.43 8.15 28.42
C LEU B 248 16.35 9.10 29.62
N ASP B 249 17.51 9.39 30.19
CA ASP B 249 17.58 10.26 31.36
C ASP B 249 17.29 11.72 31.05
N GLN B 250 17.86 12.24 29.95
CA GLN B 250 17.66 13.63 29.53
C GLN B 250 17.06 13.71 28.14
N LEU B 251 15.87 14.30 28.01
CA LEU B 251 15.24 14.40 26.71
C LEU B 251 15.70 15.56 25.86
N GLY B 252 15.55 15.41 24.54
CA GLY B 252 15.99 16.51 23.69
C GLY B 252 16.84 16.04 22.54
N LEU B 253 16.56 16.65 21.41
CA LEU B 253 17.16 16.32 20.15
C LEU B 253 18.59 16.72 20.01
N ASP B 254 19.00 17.56 20.93
CA ASP B 254 20.36 18.10 21.01
C ASP B 254 21.40 17.20 21.71
N LYS B 255 20.95 16.27 22.52
CA LYS B 255 21.85 15.40 23.25
C LYS B 255 22.18 14.09 22.52
N GLU B 256 23.43 13.64 22.60
CA GLU B 256 23.83 12.38 21.99
C GLU B 256 23.30 11.31 22.97
N GLN B 257 22.21 10.63 22.62
CA GLN B 257 21.65 9.67 23.52
C GLN B 257 22.36 8.34 23.57
N ALA B 258 22.88 7.94 22.42
CA ALA B 258 23.63 6.69 22.34
C ALA B 258 24.74 6.83 21.32
N ARG B 259 25.76 6.01 21.50
CA ARG B 259 26.89 5.98 20.59
C ARG B 259 27.34 4.52 20.43
N LEU B 260 27.40 4.01 19.20
CA LEU B 260 27.84 2.63 18.91
C LEU B 260 29.17 2.76 18.15
N THR B 261 30.24 2.14 18.71
CA THR B 261 31.58 2.26 18.13
C THR B 261 32.27 0.96 17.90
N LEU B 262 33.03 0.95 16.85
CA LEU B 262 33.85 -0.19 16.50
C LEU B 262 35.11 0.38 15.85
N ASP B 263 36.22 0.15 16.52
CA ASP B 263 37.46 0.67 15.94
C ASP B 263 37.34 2.14 15.61
N ASP B 264 37.54 2.57 14.41
CA ASP B 264 37.47 4.01 14.15
C ASP B 264 36.14 4.61 13.70
N THR B 265 35.10 3.78 13.73
CA THR B 265 33.76 4.19 13.32
C THR B 265 32.79 4.23 14.45
N SER B 266 32.01 5.31 14.49
CA SER B 266 30.97 5.45 15.49
C SER B 266 29.68 5.87 14.86
N ILE B 267 28.60 5.45 15.45
CA ILE B 267 27.29 5.90 15.01
C ILE B 267 26.69 6.59 16.24
N SER B 268 26.21 7.82 16.09
CA SER B 268 25.60 8.54 17.21
C SER B 268 24.13 8.62 16.97
N VAL B 269 23.42 8.55 18.08
CA VAL B 269 21.96 8.57 17.97
C VAL B 269 21.39 9.79 18.70
N PHE B 270 20.51 10.53 18.02
CA PHE B 270 19.79 11.68 18.56
C PHE B 270 18.33 11.48 18.26
N THR B 271 17.51 11.92 19.18
CA THR B 271 16.10 11.76 18.92
C THR B 271 15.27 12.68 19.83
N ASP B 272 14.01 12.89 19.50
CA ASP B 272 13.18 13.70 20.34
C ASP B 272 12.22 12.82 21.13
N GLN B 273 12.41 11.52 21.00
CA GLN B 273 11.56 10.55 21.68
C GLN B 273 12.11 10.25 23.07
N PRO B 274 11.29 9.70 23.95
CA PRO B 274 11.67 9.43 25.33
C PRO B 274 12.38 8.13 25.62
N SER B 275 12.27 7.14 24.71
CA SER B 275 12.95 5.87 24.94
C SER B 275 13.59 5.31 23.67
N ILE B 276 14.44 4.31 23.89
CA ILE B 276 15.14 3.58 22.84
C ILE B 276 15.01 2.10 23.15
N VAL B 277 14.33 1.40 22.25
CA VAL B 277 14.17 -0.03 22.39
C VAL B 277 15.36 -0.66 21.73
N ILE B 278 16.13 -1.48 22.48
CA ILE B 278 17.30 -2.13 21.92
C ILE B 278 17.08 -3.64 21.84
N PHE B 279 17.28 -4.21 20.63
CA PHE B 279 17.10 -5.63 20.39
C PHE B 279 18.34 -6.06 19.65
N THR B 280 19.01 -7.06 20.20
CA THR B 280 20.26 -7.52 19.64
C THR B 280 20.19 -8.80 18.80
N ALA B 281 19.17 -8.90 17.95
CA ALA B 281 19.06 -10.03 17.02
C ALA B 281 19.36 -11.36 17.70
N ASN B 282 18.55 -11.65 18.72
CA ASN B 282 18.68 -12.84 19.56
C ASN B 282 18.06 -13.98 18.85
N PHE B 283 18.47 -14.20 17.62
CA PHE B 283 17.85 -15.28 16.83
C PHE B 283 18.40 -16.70 16.96
N GLY B 284 19.36 -16.90 17.84
CA GLY B 284 19.88 -18.21 17.94
C GLY B 284 20.54 -18.63 16.64
N ASP B 285 20.22 -19.84 16.25
CA ASP B 285 20.77 -20.42 15.04
C ASP B 285 19.90 -20.27 13.79
N LEU B 286 18.81 -19.48 13.85
CA LEU B 286 17.96 -19.25 12.70
C LEU B 286 18.78 -19.09 11.39
N GLY B 287 19.87 -18.35 11.51
CA GLY B 287 20.78 -18.12 10.44
C GLY B 287 20.23 -17.50 9.17
N THR B 288 19.51 -16.39 9.27
CA THR B 288 19.01 -15.73 8.09
C THR B 288 20.18 -15.27 7.23
N LEU B 289 20.09 -15.54 5.93
CA LEU B 289 21.19 -15.14 5.06
C LEU B 289 21.22 -13.65 4.64
N TYR B 290 22.32 -12.94 4.92
CA TYR B 290 22.44 -11.55 4.52
C TYR B 290 23.63 -11.49 3.61
N HIS B 291 23.41 -11.13 2.34
CA HIS B 291 24.56 -11.11 1.44
C HIS B 291 25.32 -12.43 1.51
N GLU B 292 24.57 -13.52 1.50
CA GLU B 292 25.18 -14.86 1.54
C GLU B 292 25.95 -15.24 2.82
N LYS B 293 25.87 -14.40 3.89
CA LYS B 293 26.51 -14.73 5.16
C LYS B 293 25.40 -15.17 6.08
N LYS B 294 25.54 -16.29 6.80
CA LYS B 294 24.48 -16.74 7.72
C LYS B 294 24.55 -15.81 8.94
N GLN B 295 23.48 -15.16 9.27
CA GLN B 295 23.55 -14.27 10.41
C GLN B 295 23.73 -15.00 11.73
N VAL B 296 24.64 -14.53 12.58
CA VAL B 296 24.84 -15.18 13.90
C VAL B 296 23.93 -14.57 14.96
N HIS B 297 23.75 -15.31 16.05
CA HIS B 297 22.98 -14.80 17.17
C HIS B 297 23.74 -13.53 17.63
N HIS B 298 23.03 -12.42 17.85
CA HIS B 298 23.72 -11.18 18.23
C HIS B 298 24.42 -10.55 17.05
N GLY B 299 23.98 -10.97 15.87
CA GLY B 299 24.59 -10.44 14.70
C GLY B 299 24.01 -9.10 14.25
N GLY B 300 23.49 -8.27 15.19
CA GLY B 300 22.95 -6.97 14.80
C GLY B 300 22.37 -6.29 16.01
N ILE B 301 22.16 -4.97 15.96
CA ILE B 301 21.57 -4.25 17.07
C ILE B 301 20.69 -3.09 16.60
N THR B 302 19.50 -2.95 17.18
CA THR B 302 18.61 -1.87 16.78
C THR B 302 18.65 -0.76 17.82
N PHE B 303 18.16 0.42 17.42
CA PHE B 303 18.00 1.58 18.30
C PHE B 303 16.63 2.17 17.89
N GLU B 304 15.53 1.51 18.31
CA GLU B 304 14.23 1.96 17.96
C GLU B 304 13.79 3.06 18.92
N CYS B 305 13.83 4.28 18.40
CA CYS B 305 13.48 5.42 19.21
C CYS B 305 11.98 5.64 19.11
N GLN B 306 11.33 5.68 20.28
CA GLN B 306 9.87 5.82 20.28
C GLN B 306 9.40 6.04 21.71
N VAL B 307 8.10 6.12 21.89
CA VAL B 307 7.59 6.18 23.23
C VAL B 307 7.68 4.70 23.64
N SER B 308 8.14 4.40 24.86
CA SER B 308 8.25 2.99 25.24
C SER B 308 6.94 2.18 25.11
N PRO B 309 7.08 0.92 24.66
CA PRO B 309 5.95 0.02 24.63
C PRO B 309 5.52 -0.23 26.11
N GLY B 310 4.23 -0.54 26.38
CA GLY B 310 3.73 -0.82 27.70
C GLY B 310 2.97 0.33 28.34
N SER B 311 2.92 1.49 27.69
CA SER B 311 2.24 2.61 28.31
C SER B 311 0.83 2.24 28.60
N GLU B 312 0.33 1.18 27.95
CA GLU B 312 -1.03 0.79 28.22
C GLU B 312 -1.15 0.33 29.66
N GLN B 313 -0.08 -0.27 30.16
CA GLN B 313 -0.03 -0.78 31.51
C GLN B 313 0.70 0.17 32.45
N ILE B 314 1.71 0.84 31.94
CA ILE B 314 2.47 1.77 32.74
C ILE B 314 2.38 3.17 32.20
N PRO B 315 1.34 3.83 32.63
CA PRO B 315 1.01 5.18 32.25
C PRO B 315 2.11 6.22 32.32
N GLU B 316 3.07 6.01 33.21
CA GLU B 316 4.18 6.89 33.38
C GLU B 316 5.07 6.95 32.13
N LEU B 317 5.03 5.92 31.26
CA LEU B 317 5.90 5.90 30.08
C LEU B 317 5.52 6.89 29.03
N GLY B 318 4.24 7.29 29.07
CA GLY B 318 3.74 8.24 28.11
C GLY B 318 2.31 7.95 27.65
N ASP B 319 1.94 8.74 26.65
CA ASP B 319 0.63 8.71 26.02
C ASP B 319 0.81 8.73 24.49
N ILE B 320 0.33 7.69 23.81
CA ILE B 320 0.57 7.69 22.37
C ILE B 320 -0.67 8.04 21.60
N SER B 321 -1.62 8.58 22.32
CA SER B 321 -2.81 8.94 21.62
C SER B 321 -2.57 10.09 20.66
N LEU B 322 -3.39 10.16 19.60
CA LEU B 322 -3.26 11.19 18.62
C LEU B 322 -4.64 11.69 18.36
N LYS B 323 -4.85 12.97 18.64
CA LYS B 323 -6.17 13.51 18.48
C LYS B 323 -6.46 13.89 17.07
N ALA B 324 -7.74 13.79 16.75
CA ALA B 324 -8.11 14.17 15.42
C ALA B 324 -7.63 15.55 15.06
N GLY B 325 -7.00 15.65 13.90
CA GLY B 325 -6.52 16.91 13.38
C GLY B 325 -5.22 17.42 13.95
N GLU B 326 -4.76 16.79 15.05
CA GLU B 326 -3.50 17.19 15.65
C GLU B 326 -2.33 16.55 14.84
N LYS B 327 -1.31 17.35 14.57
CA LYS B 327 -0.18 16.90 13.80
C LYS B 327 0.90 16.21 14.57
N TYR B 328 1.17 14.96 14.19
CA TYR B 328 2.24 14.22 14.84
C TYR B 328 3.57 14.52 14.17
N GLN B 329 4.63 14.57 14.97
CA GLN B 329 5.97 14.76 14.44
C GLN B 329 6.93 14.05 15.37
N ALA B 330 7.99 13.47 14.80
CA ALA B 330 9.06 12.80 15.55
C ALA B 330 10.23 12.89 14.67
N THR B 331 11.40 13.02 15.29
CA THR B 331 12.63 13.13 14.56
C THR B 331 13.71 12.31 15.26
N THR B 332 14.40 11.51 14.49
CA THR B 332 15.48 10.66 14.94
C THR B 332 16.64 10.81 13.96
N ILE B 333 17.84 10.91 14.50
CA ILE B 333 19.00 11.09 13.67
C ILE B 333 20.11 10.15 14.10
N TYR B 334 20.74 9.60 13.06
CA TYR B 334 21.84 8.70 13.17
C TYR B 334 22.95 9.35 12.42
N SER B 335 24.06 9.66 13.13
CA SER B 335 25.14 10.28 12.42
C SER B 335 26.40 9.44 12.54
N LEU B 336 27.17 9.49 11.46
CA LEU B 336 28.39 8.77 11.35
C LEU B 336 29.60 9.65 11.51
N HIS B 337 30.55 9.12 12.25
CA HIS B 337 31.82 9.77 12.55
C HIS B 337 32.95 8.80 12.52
N THR B 338 34.15 9.36 12.32
CA THR B 338 35.29 8.50 12.29
C THR B 338 36.25 9.08 13.27
N LYS B 339 36.94 8.21 14.03
CA LYS B 339 37.92 8.58 15.03
C LYS B 339 37.40 9.51 16.09
N LEU B 340 36.16 9.28 16.51
CA LEU B 340 35.56 10.08 17.56
C LEU B 340 36.19 9.76 18.90
N GLU B 341 36.72 8.54 18.99
CA GLU B 341 37.31 8.09 20.23
C GLU B 341 38.30 6.99 19.93
N HIS B 342 39.01 6.51 20.98
CA HIS B 342 39.95 5.44 20.75
C HIS B 342 39.26 4.17 21.14
N HIS B 343 39.09 3.26 20.23
CA HIS B 343 38.41 2.05 20.56
C HIS B 343 39.19 0.92 19.98
N HIS B 344 40.07 0.38 20.82
CA HIS B 344 40.94 -0.67 20.36
C HIS B 344 40.88 -1.88 21.24
N HIS B 345 40.00 -2.82 20.91
CA HIS B 345 39.85 -4.02 21.75
C HIS B 345 40.00 -5.28 20.95
N HIS B 346 39.88 -6.40 21.65
CA HIS B 346 39.95 -7.69 21.02
C HIS B 346 39.04 -8.64 21.74
N HIS B 347 38.42 -9.44 20.92
CA HIS B 347 37.49 -10.40 21.41
C HIS B 347 38.06 -11.75 21.04
C1 GLA C . -19.08 4.50 -11.71
C2 GLA C . -20.33 5.29 -11.43
C3 GLA C . -20.31 6.59 -12.18
C4 GLA C . -19.11 7.35 -11.71
C5 GLA C . -17.81 6.56 -11.93
C6 GLA C . -16.67 7.23 -11.18
O1 GLA C . -19.10 4.25 -13.11
O2 GLA C . -21.53 4.61 -11.86
O3 GLA C . -21.47 7.35 -11.77
O4 GLA C . -19.23 7.68 -10.35
O5 GLA C . -17.87 5.25 -11.34
O6 GLA C . -16.38 8.48 -11.81
NA NA D . 8.98 2.69 -9.34
C1 GLA E . 11.22 -5.54 17.86
C2 GLA E . 10.82 -6.52 18.94
C3 GLA E . 11.64 -7.78 18.73
C4 GLA E . 11.26 -8.41 17.40
C5 GLA E . 11.62 -7.42 16.33
C6 GLA E . 11.07 -7.87 15.01
O1 GLA E . 12.59 -5.18 18.08
O2 GLA E . 11.12 -6.04 20.25
O3 GLA E . 11.28 -8.65 19.78
O4 GLA E . 9.86 -8.60 17.28
O5 GLA E . 10.99 -6.13 16.56
O6 GLA E . 11.94 -8.88 14.51
#